data_5GUA
# 
_entry.id   5GUA 
# 
_audit_conform.dict_name       mmcif_pdbx.dic 
_audit_conform.dict_version    5.380 
_audit_conform.dict_location   http://mmcif.pdb.org/dictionaries/ascii/mmcif_pdbx.dic 
# 
loop_
_database_2.database_id 
_database_2.database_code 
_database_2.pdbx_database_accession 
_database_2.pdbx_DOI 
PDB   5GUA         pdb_00005gua 10.2210/pdb5gua/pdb 
WWPDB D_1300001453 ?            ?                   
# 
loop_
_pdbx_database_related.content_type 
_pdbx_database_related.db_id 
_pdbx_database_related.db_name 
_pdbx_database_related.details 
unspecified 5GU8 PDB . 
unspecified 5GU9 PDB . 
# 
_pdbx_database_status.status_code                     REL 
_pdbx_database_status.status_code_sf                  REL 
_pdbx_database_status.status_code_mr                  ? 
_pdbx_database_status.entry_id                        5GUA 
_pdbx_database_status.recvd_initial_deposition_date   2016-08-26 
_pdbx_database_status.SG_entry                        N 
_pdbx_database_status.deposit_site                    PDBJ 
_pdbx_database_status.process_site                    PDBJ 
_pdbx_database_status.status_code_cs                  ? 
_pdbx_database_status.methods_development_category    ? 
_pdbx_database_status.pdb_format_compatible           Y 
_pdbx_database_status.status_code_nmr_data            ? 
# 
loop_
_audit_author.name 
_audit_author.pdbx_ordinal 
'Yamada, K.'    1 
'Kunishima, N.' 2 
'Matsuura, Y.'  3 
'Nakai, K.'     4 
'Naitow, H.'    5 
'Fukasawa, Y.'  6 
'Tomii, K.'     7 
# 
_citation.abstract                  ? 
_citation.abstract_id_CAS           ? 
_citation.book_id_ISBN              ? 
_citation.book_publisher            ? 
_citation.book_publisher_city       ? 
_citation.book_title                ? 
_citation.coordinate_linkage        ? 
_citation.country                   ? 
_citation.database_id_Medline       ? 
_citation.details                   ? 
_citation.id                        primary 
_citation.journal_abbrev            'Acta Crystallogr D Struct Biol' 
_citation.journal_id_ASTM           ? 
_citation.journal_id_CSD            ? 
_citation.journal_id_ISSN           2059-7983 
_citation.journal_full              ? 
_citation.journal_issue             ? 
_citation.journal_volume            73 
_citation.language                  ? 
_citation.page_first                757 
_citation.page_last                 766 
_citation.title                     
;Designing better diffracting crystals of biotin carboxyl carrier protein from Pyrococcus horikoshii by a mutation based on the crystal-packing propensity of amino acids.
;
_citation.year                      2017 
_citation.database_id_CSD           ? 
_citation.pdbx_database_id_DOI      10.1107/S2059798317010932 
_citation.pdbx_database_id_PubMed   28876239 
_citation.unpublished_flag          ? 
# 
loop_
_citation_author.citation_id 
_citation_author.name 
_citation_author.ordinal 
_citation_author.identifier_ORCID 
primary 'Yamada, K.D.'  1 ? 
primary 'Kunishima, N.' 2 ? 
primary 'Matsuura, Y.'  3 ? 
primary 'Nakai, K.'     4 ? 
primary 'Naitow, H.'    5 ? 
primary 'Fukasawa, Y.'  6 ? 
primary 'Tomii, K.'     7 ? 
# 
_cell.angle_alpha                  90.00 
_cell.angle_alpha_esd              ? 
_cell.angle_beta                   90.00 
_cell.angle_beta_esd               ? 
_cell.angle_gamma                  120.00 
_cell.angle_gamma_esd              ? 
_cell.entry_id                     5GUA 
_cell.details                      ? 
_cell.formula_units_Z              ? 
_cell.length_a                     39.063 
_cell.length_a_esd                 ? 
_cell.length_b                     39.063 
_cell.length_b_esd                 ? 
_cell.length_c                     76.642 
_cell.length_c_esd                 ? 
_cell.volume                       ? 
_cell.volume_esd                   ? 
_cell.Z_PDB                        6 
_cell.reciprocal_angle_alpha       ? 
_cell.reciprocal_angle_beta        ? 
_cell.reciprocal_angle_gamma       ? 
_cell.reciprocal_angle_alpha_esd   ? 
_cell.reciprocal_angle_beta_esd    ? 
_cell.reciprocal_angle_gamma_esd   ? 
_cell.reciprocal_length_a          ? 
_cell.reciprocal_length_b          ? 
_cell.reciprocal_length_c          ? 
_cell.reciprocal_length_a_esd      ? 
_cell.reciprocal_length_b_esd      ? 
_cell.reciprocal_length_c_esd      ? 
_cell.pdbx_unique_axis             ? 
# 
_symmetry.entry_id                         5GUA 
_symmetry.cell_setting                     ? 
_symmetry.Int_Tables_number                152 
_symmetry.space_group_name_Hall            ? 
_symmetry.space_group_name_H-M             'P 31 2 1' 
_symmetry.pdbx_full_space_group_name_H-M   ? 
# 
loop_
_entity.id 
_entity.type 
_entity.src_method 
_entity.pdbx_description 
_entity.formula_weight 
_entity.pdbx_number_of_molecules 
_entity.pdbx_ec 
_entity.pdbx_mutation 
_entity.pdbx_fragment 
_entity.details 
1 polymer man '149aa long hypothetical methylmalonyl-CoA decarboxylase gamma chain' 7792.214 1   ? A138Y 'UNP RESIDUES 80-149' ? 
2 water   nat water                                                                 18.015   105 ? ?     ?                     ? 
# 
_entity_poly.entity_id                      1 
_entity_poly.type                           'polypeptide(L)' 
_entity_poly.nstd_linkage                   no 
_entity_poly.nstd_monomer                   no 
_entity_poly.pdbx_seq_one_letter_code       MENVVSAPMPGKVLRVLVRVGDRVRVGQGLLVLEAMKMENEIPSPRDGVVKRILVKEGEYVDTGQPLIELG 
_entity_poly.pdbx_seq_one_letter_code_can   MENVVSAPMPGKVLRVLVRVGDRVRVGQGLLVLEAMKMENEIPSPRDGVVKRILVKEGEYVDTGQPLIELG 
_entity_poly.pdbx_strand_id                 A 
_entity_poly.pdbx_target_identifier         ? 
# 
loop_
_entity_poly_seq.entity_id 
_entity_poly_seq.num 
_entity_poly_seq.mon_id 
_entity_poly_seq.hetero 
1 1  MET n 
1 2  GLU n 
1 3  ASN n 
1 4  VAL n 
1 5  VAL n 
1 6  SER n 
1 7  ALA n 
1 8  PRO n 
1 9  MET n 
1 10 PRO n 
1 11 GLY n 
1 12 LYS n 
1 13 VAL n 
1 14 LEU n 
1 15 ARG n 
1 16 VAL n 
1 17 LEU n 
1 18 VAL n 
1 19 ARG n 
1 20 VAL n 
1 21 GLY n 
1 22 ASP n 
1 23 ARG n 
1 24 VAL n 
1 25 ARG n 
1 26 VAL n 
1 27 GLY n 
1 28 GLN n 
1 29 GLY n 
1 30 LEU n 
1 31 LEU n 
1 32 VAL n 
1 33 LEU n 
1 34 GLU n 
1 35 ALA n 
1 36 MET n 
1 37 LYS n 
1 38 MET n 
1 39 GLU n 
1 40 ASN n 
1 41 GLU n 
1 42 ILE n 
1 43 PRO n 
1 44 SER n 
1 45 PRO n 
1 46 ARG n 
1 47 ASP n 
1 48 GLY n 
1 49 VAL n 
1 50 VAL n 
1 51 LYS n 
1 52 ARG n 
1 53 ILE n 
1 54 LEU n 
1 55 VAL n 
1 56 LYS n 
1 57 GLU n 
1 58 GLY n 
1 59 GLU n 
1 60 TYR n 
1 61 VAL n 
1 62 ASP n 
1 63 THR n 
1 64 GLY n 
1 65 GLN n 
1 66 PRO n 
1 67 LEU n 
1 68 ILE n 
1 69 GLU n 
1 70 LEU n 
1 71 GLY n 
# 
_entity_src_gen.entity_id                          1 
_entity_src_gen.pdbx_src_id                        1 
_entity_src_gen.pdbx_alt_source_flag               sample 
_entity_src_gen.pdbx_seq_type                      'Biological sequence' 
_entity_src_gen.pdbx_beg_seq_num                   1 
_entity_src_gen.pdbx_end_seq_num                   71 
_entity_src_gen.gene_src_common_name               ? 
_entity_src_gen.gene_src_genus                     ? 
_entity_src_gen.pdbx_gene_src_gene                 PH1284 
_entity_src_gen.gene_src_species                   ? 
_entity_src_gen.gene_src_strain                    'ATCC 700860 / DSM 12428 / JCM 9974 / NBRC 100139 / OT-3' 
_entity_src_gen.gene_src_tissue                    ? 
_entity_src_gen.gene_src_tissue_fraction           ? 
_entity_src_gen.gene_src_details                   ? 
_entity_src_gen.pdbx_gene_src_fragment             ? 
_entity_src_gen.pdbx_gene_src_scientific_name      
'Pyrococcus horikoshii (strain ATCC 700860 / DSM 12428 / JCM 9974 / NBRC 100139 / OT-3)' 
_entity_src_gen.pdbx_gene_src_ncbi_taxonomy_id     70601 
_entity_src_gen.pdbx_gene_src_variant              ? 
_entity_src_gen.pdbx_gene_src_cell_line            ? 
_entity_src_gen.pdbx_gene_src_atcc                 ? 
_entity_src_gen.pdbx_gene_src_organ                ? 
_entity_src_gen.pdbx_gene_src_organelle            ? 
_entity_src_gen.pdbx_gene_src_cell                 ? 
_entity_src_gen.pdbx_gene_src_cellular_location    ? 
_entity_src_gen.host_org_common_name               ? 
_entity_src_gen.pdbx_host_org_scientific_name      'Escherichia coli BL21(DE3)' 
_entity_src_gen.pdbx_host_org_ncbi_taxonomy_id     469008 
_entity_src_gen.host_org_genus                     ? 
_entity_src_gen.pdbx_host_org_gene                 ? 
_entity_src_gen.pdbx_host_org_organ                ? 
_entity_src_gen.host_org_species                   ? 
_entity_src_gen.pdbx_host_org_tissue               ? 
_entity_src_gen.pdbx_host_org_tissue_fraction      ? 
_entity_src_gen.pdbx_host_org_strain               'BL21(DE3)' 
_entity_src_gen.pdbx_host_org_variant              ? 
_entity_src_gen.pdbx_host_org_cell_line            ? 
_entity_src_gen.pdbx_host_org_atcc                 ? 
_entity_src_gen.pdbx_host_org_culture_collection   ? 
_entity_src_gen.pdbx_host_org_cell                 ? 
_entity_src_gen.pdbx_host_org_organelle            ? 
_entity_src_gen.pdbx_host_org_cellular_location    ? 
_entity_src_gen.pdbx_host_org_vector_type          PLASMID 
_entity_src_gen.pdbx_host_org_vector               ? 
_entity_src_gen.host_org_details                   ? 
_entity_src_gen.expression_system_id               ? 
_entity_src_gen.plasmid_name                       'PET 11A' 
_entity_src_gen.plasmid_details                    ? 
_entity_src_gen.pdbx_description                   ? 
# 
_struct_ref.id                         1 
_struct_ref.db_name                    UNP 
_struct_ref.db_code                    O59021_PYRHO 
_struct_ref.pdbx_db_accession          O59021 
_struct_ref.pdbx_db_isoform            ? 
_struct_ref.entity_id                  1 
_struct_ref.pdbx_seq_one_letter_code   ENVVSAPMPGKVLRVLVRVGDRVRVGQGLLVLEAMKMENEIPSPRDGVVKRILVKEGEAVDTGQPLIELG 
_struct_ref.pdbx_align_begin           80 
# 
_struct_ref_seq.align_id                      1 
_struct_ref_seq.ref_id                        1 
_struct_ref_seq.pdbx_PDB_id_code              5GUA 
_struct_ref_seq.pdbx_strand_id                A 
_struct_ref_seq.seq_align_beg                 2 
_struct_ref_seq.pdbx_seq_align_beg_ins_code   ? 
_struct_ref_seq.seq_align_end                 71 
_struct_ref_seq.pdbx_seq_align_end_ins_code   ? 
_struct_ref_seq.pdbx_db_accession             O59021 
_struct_ref_seq.db_align_beg                  80 
_struct_ref_seq.pdbx_db_align_beg_ins_code    ? 
_struct_ref_seq.db_align_end                  149 
_struct_ref_seq.pdbx_db_align_end_ins_code    ? 
_struct_ref_seq.pdbx_auth_seq_align_beg       80 
_struct_ref_seq.pdbx_auth_seq_align_end       149 
# 
loop_
_struct_ref_seq_dif.align_id 
_struct_ref_seq_dif.pdbx_pdb_id_code 
_struct_ref_seq_dif.mon_id 
_struct_ref_seq_dif.pdbx_pdb_strand_id 
_struct_ref_seq_dif.seq_num 
_struct_ref_seq_dif.pdbx_pdb_ins_code 
_struct_ref_seq_dif.pdbx_seq_db_name 
_struct_ref_seq_dif.pdbx_seq_db_accession_code 
_struct_ref_seq_dif.db_mon_id 
_struct_ref_seq_dif.pdbx_seq_db_seq_num 
_struct_ref_seq_dif.details 
_struct_ref_seq_dif.pdbx_auth_seq_num 
_struct_ref_seq_dif.pdbx_ordinal 
1 5GUA MET A 1  ? UNP O59021 ?   ?   'initiating methionine' 79  1 
1 5GUA TYR A 60 ? UNP O59021 ALA 138 'engineered mutation'   138 2 
# 
loop_
_chem_comp.id 
_chem_comp.type 
_chem_comp.mon_nstd_flag 
_chem_comp.name 
_chem_comp.pdbx_synonyms 
_chem_comp.formula 
_chem_comp.formula_weight 
ALA 'L-peptide linking' y ALANINE         ? 'C3 H7 N O2'     89.093  
ARG 'L-peptide linking' y ARGININE        ? 'C6 H15 N4 O2 1' 175.209 
ASN 'L-peptide linking' y ASPARAGINE      ? 'C4 H8 N2 O3'    132.118 
ASP 'L-peptide linking' y 'ASPARTIC ACID' ? 'C4 H7 N O4'     133.103 
GLN 'L-peptide linking' y GLUTAMINE       ? 'C5 H10 N2 O3'   146.144 
GLU 'L-peptide linking' y 'GLUTAMIC ACID' ? 'C5 H9 N O4'     147.129 
GLY 'peptide linking'   y GLYCINE         ? 'C2 H5 N O2'     75.067  
HOH non-polymer         . WATER           ? 'H2 O'           18.015  
ILE 'L-peptide linking' y ISOLEUCINE      ? 'C6 H13 N O2'    131.173 
LEU 'L-peptide linking' y LEUCINE         ? 'C6 H13 N O2'    131.173 
LYS 'L-peptide linking' y LYSINE          ? 'C6 H15 N2 O2 1' 147.195 
MET 'L-peptide linking' y METHIONINE      ? 'C5 H11 N O2 S'  149.211 
PRO 'L-peptide linking' y PROLINE         ? 'C5 H9 N O2'     115.130 
SER 'L-peptide linking' y SERINE          ? 'C3 H7 N O3'     105.093 
THR 'L-peptide linking' y THREONINE       ? 'C4 H9 N O3'     119.119 
TYR 'L-peptide linking' y TYROSINE        ? 'C9 H11 N O3'    181.189 
VAL 'L-peptide linking' y VALINE          ? 'C5 H11 N O2'    117.146 
# 
_exptl.absorpt_coefficient_mu     ? 
_exptl.absorpt_correction_T_max   ? 
_exptl.absorpt_correction_T_min   ? 
_exptl.absorpt_correction_type    ? 
_exptl.absorpt_process_details    ? 
_exptl.entry_id                   5GUA 
_exptl.crystals_number            1 
_exptl.details                    ? 
_exptl.method                     'X-RAY DIFFRACTION' 
_exptl.method_details             ? 
# 
_exptl_crystal.colour                      ? 
_exptl_crystal.density_diffrn              ? 
_exptl_crystal.density_Matthews            2.17 
_exptl_crystal.density_method              ? 
_exptl_crystal.density_percent_sol         43.33 
_exptl_crystal.description                 ? 
_exptl_crystal.F_000                       ? 
_exptl_crystal.id                          1 
_exptl_crystal.preparation                 ? 
_exptl_crystal.size_max                    ? 
_exptl_crystal.size_mid                    ? 
_exptl_crystal.size_min                    ? 
_exptl_crystal.size_rad                    ? 
_exptl_crystal.colour_lustre               ? 
_exptl_crystal.colour_modifier             ? 
_exptl_crystal.colour_primary              ? 
_exptl_crystal.density_meas                ? 
_exptl_crystal.density_meas_esd            ? 
_exptl_crystal.density_meas_gt             ? 
_exptl_crystal.density_meas_lt             ? 
_exptl_crystal.density_meas_temp           ? 
_exptl_crystal.density_meas_temp_esd       ? 
_exptl_crystal.density_meas_temp_gt        ? 
_exptl_crystal.density_meas_temp_lt        ? 
_exptl_crystal.pdbx_crystal_image_url      ? 
_exptl_crystal.pdbx_crystal_image_format   ? 
_exptl_crystal.pdbx_mosaicity              ? 
_exptl_crystal.pdbx_mosaicity_esd          ? 
# 
_exptl_crystal_grow.apparatus       ? 
_exptl_crystal_grow.atmosphere      ? 
_exptl_crystal_grow.crystal_id      1 
_exptl_crystal_grow.details         ? 
_exptl_crystal_grow.method          'VAPOR DIFFUSION, SITTING DROP' 
_exptl_crystal_grow.method_ref      ? 
_exptl_crystal_grow.pH              4.5 
_exptl_crystal_grow.pressure        ? 
_exptl_crystal_grow.pressure_esd    ? 
_exptl_crystal_grow.seeding         ? 
_exptl_crystal_grow.seeding_ref     ? 
_exptl_crystal_grow.temp            293 
_exptl_crystal_grow.temp_details    ? 
_exptl_crystal_grow.temp_esd        ? 
_exptl_crystal_grow.time            ? 
_exptl_crystal_grow.pdbx_details    '2.5M sodium chloride, 0.2M lithium sulfate, 0.1M acetate-NaOH' 
_exptl_crystal_grow.pdbx_pH_range   ? 
# 
_diffrn.ambient_environment    ? 
_diffrn.ambient_temp           100 
_diffrn.ambient_temp_details   ? 
_diffrn.ambient_temp_esd       ? 
_diffrn.crystal_id             1 
_diffrn.crystal_support        ? 
_diffrn.crystal_treatment      ? 
_diffrn.details                ? 
_diffrn.id                     1 
_diffrn.ambient_pressure       ? 
_diffrn.ambient_pressure_esd   ? 
_diffrn.ambient_pressure_gt    ? 
_diffrn.ambient_pressure_lt    ? 
_diffrn.ambient_temp_gt        ? 
_diffrn.ambient_temp_lt        ? 
# 
_diffrn_detector.details                      ? 
_diffrn_detector.detector                     CCD 
_diffrn_detector.diffrn_id                    1 
_diffrn_detector.type                         'MARMOSAIC 225 mm CCD' 
_diffrn_detector.area_resol_mean              ? 
_diffrn_detector.dtime                        ? 
_diffrn_detector.pdbx_frames_total            ? 
_diffrn_detector.pdbx_collection_time_total   ? 
_diffrn_detector.pdbx_collection_date         2015-08-03 
# 
_diffrn_radiation.collimation                      ? 
_diffrn_radiation.diffrn_id                        1 
_diffrn_radiation.filter_edge                      ? 
_diffrn_radiation.inhomogeneity                    ? 
_diffrn_radiation.monochromator                    ? 
_diffrn_radiation.polarisn_norm                    ? 
_diffrn_radiation.polarisn_ratio                   ? 
_diffrn_radiation.probe                            ? 
_diffrn_radiation.type                             ? 
_diffrn_radiation.xray_symbol                      ? 
_diffrn_radiation.wavelength_id                    1 
_diffrn_radiation.pdbx_monochromatic_or_laue_m_l   M 
_diffrn_radiation.pdbx_wavelength_list             ? 
_diffrn_radiation.pdbx_wavelength                  ? 
_diffrn_radiation.pdbx_diffrn_protocol             'SINGLE WAVELENGTH' 
_diffrn_radiation.pdbx_analyzer                    ? 
_diffrn_radiation.pdbx_scattering_type             x-ray 
# 
_diffrn_radiation_wavelength.id           1 
_diffrn_radiation_wavelength.wavelength   1.0 
_diffrn_radiation_wavelength.wt           1.0 
# 
_diffrn_source.current                     ? 
_diffrn_source.details                     ? 
_diffrn_source.diffrn_id                   1 
_diffrn_source.power                       ? 
_diffrn_source.size                        ? 
_diffrn_source.source                      SYNCHROTRON 
_diffrn_source.target                      ? 
_diffrn_source.type                        'SPRING-8 BEAMLINE BL26B2' 
_diffrn_source.voltage                     ? 
_diffrn_source.take-off_angle              ? 
_diffrn_source.pdbx_wavelength_list        1.0 
_diffrn_source.pdbx_wavelength             ? 
_diffrn_source.pdbx_synchrotron_beamline   BL26B2 
_diffrn_source.pdbx_synchrotron_site       SPring-8 
# 
_reflns.B_iso_Wilson_estimate            10.4 
_reflns.entry_id                         5GUA 
_reflns.data_reduction_details           ? 
_reflns.data_reduction_method            ? 
_reflns.d_resolution_high                1.5 
_reflns.d_resolution_low                 33.8 
_reflns.details                          ? 
_reflns.limit_h_max                      ? 
_reflns.limit_h_min                      ? 
_reflns.limit_k_max                      ? 
_reflns.limit_k_min                      ? 
_reflns.limit_l_max                      ? 
_reflns.limit_l_min                      ? 
_reflns.number_all                       ? 
_reflns.number_obs                       11290 
_reflns.observed_criterion               ? 
_reflns.observed_criterion_F_max         ? 
_reflns.observed_criterion_F_min         ? 
_reflns.observed_criterion_I_max         ? 
_reflns.observed_criterion_I_min         ? 
_reflns.observed_criterion_sigma_F       ? 
_reflns.observed_criterion_sigma_I       ? 
_reflns.percent_possible_obs             99.4 
_reflns.R_free_details                   ? 
_reflns.Rmerge_F_all                     ? 
_reflns.Rmerge_F_obs                     ? 
_reflns.Friedel_coverage                 ? 
_reflns.number_gt                        ? 
_reflns.threshold_expression             ? 
_reflns.pdbx_redundancy                  9.9 
_reflns.pdbx_Rmerge_I_obs                0.044 
_reflns.pdbx_Rmerge_I_all                ? 
_reflns.pdbx_Rsym_value                  ? 
_reflns.pdbx_netI_over_av_sigmaI         ? 
_reflns.pdbx_netI_over_sigmaI            41.2 
_reflns.pdbx_res_netI_over_av_sigmaI_2   ? 
_reflns.pdbx_res_netI_over_sigmaI_2      ? 
_reflns.pdbx_chi_squared                 ? 
_reflns.pdbx_scaling_rejects             ? 
_reflns.pdbx_d_res_high_opt              ? 
_reflns.pdbx_d_res_low_opt               ? 
_reflns.pdbx_d_res_opt_method            ? 
_reflns.phase_calculation_details        ? 
_reflns.pdbx_Rrim_I_all                  ? 
_reflns.pdbx_Rpim_I_all                  ? 
_reflns.pdbx_d_opt                       ? 
_reflns.pdbx_number_measured_all         ? 
_reflns.pdbx_diffrn_id                   1 
_reflns.pdbx_ordinal                     1 
_reflns.pdbx_CC_half                     ? 
_reflns.pdbx_R_split                     ? 
# 
_reflns_shell.d_res_high                  1.50 
_reflns_shell.d_res_low                   1.53 
_reflns_shell.meanI_over_sigI_all         ? 
_reflns_shell.meanI_over_sigI_obs         16.0 
_reflns_shell.number_measured_all         ? 
_reflns_shell.number_measured_obs         ? 
_reflns_shell.number_possible             ? 
_reflns_shell.number_unique_all           ? 
_reflns_shell.number_unique_obs           ? 
_reflns_shell.percent_possible_all        98.2 
_reflns_shell.percent_possible_obs        ? 
_reflns_shell.Rmerge_F_all                ? 
_reflns_shell.Rmerge_F_obs                ? 
_reflns_shell.Rmerge_I_all                ? 
_reflns_shell.Rmerge_I_obs                0.102 
_reflns_shell.meanI_over_sigI_gt          ? 
_reflns_shell.meanI_over_uI_all           ? 
_reflns_shell.meanI_over_uI_gt            ? 
_reflns_shell.number_measured_gt          ? 
_reflns_shell.number_unique_gt            ? 
_reflns_shell.percent_possible_gt         ? 
_reflns_shell.Rmerge_F_gt                 ? 
_reflns_shell.Rmerge_I_gt                 ? 
_reflns_shell.pdbx_redundancy             6.1 
_reflns_shell.pdbx_Rsym_value             ? 
_reflns_shell.pdbx_chi_squared            ? 
_reflns_shell.pdbx_netI_over_sigmaI_all   ? 
_reflns_shell.pdbx_netI_over_sigmaI_obs   ? 
_reflns_shell.pdbx_Rrim_I_all             ? 
_reflns_shell.pdbx_Rpim_I_all             ? 
_reflns_shell.pdbx_rejects                ? 
_reflns_shell.pdbx_ordinal                1 
_reflns_shell.pdbx_diffrn_id              1 
_reflns_shell.pdbx_CC_half                ? 
_reflns_shell.pdbx_R_split                ? 
# 
_refine.aniso_B[1][1]                            ? 
_refine.aniso_B[1][2]                            ? 
_refine.aniso_B[1][3]                            ? 
_refine.aniso_B[2][2]                            ? 
_refine.aniso_B[2][3]                            ? 
_refine.aniso_B[3][3]                            ? 
_refine.B_iso_max                                ? 
_refine.B_iso_mean                               17.8 
_refine.B_iso_min                                ? 
_refine.correlation_coeff_Fo_to_Fc               ? 
_refine.correlation_coeff_Fo_to_Fc_free          ? 
_refine.details                                  ? 
_refine.diff_density_max                         ? 
_refine.diff_density_max_esd                     ? 
_refine.diff_density_min                         ? 
_refine.diff_density_min_esd                     ? 
_refine.diff_density_rms                         ? 
_refine.diff_density_rms_esd                     ? 
_refine.entry_id                                 5GUA 
_refine.pdbx_refine_id                           'X-RAY DIFFRACTION' 
_refine.ls_abs_structure_details                 ? 
_refine.ls_abs_structure_Flack                   ? 
_refine.ls_abs_structure_Flack_esd               ? 
_refine.ls_abs_structure_Rogers                  ? 
_refine.ls_abs_structure_Rogers_esd              ? 
_refine.ls_d_res_high                            1.5 
_refine.ls_d_res_low                             33.8 
_refine.ls_extinction_coef                       ? 
_refine.ls_extinction_coef_esd                   ? 
_refine.ls_extinction_expression                 ? 
_refine.ls_extinction_method                     ? 
_refine.ls_goodness_of_fit_all                   ? 
_refine.ls_goodness_of_fit_all_esd               ? 
_refine.ls_goodness_of_fit_obs                   ? 
_refine.ls_goodness_of_fit_obs_esd               ? 
_refine.ls_hydrogen_treatment                    ? 
_refine.ls_matrix_type                           ? 
_refine.ls_number_constraints                    ? 
_refine.ls_number_parameters                     ? 
_refine.ls_number_reflns_all                     ? 
_refine.ls_number_reflns_obs                     11290 
_refine.ls_number_reflns_R_free                  563 
_refine.ls_number_reflns_R_work                  ? 
_refine.ls_number_restraints                     ? 
_refine.ls_percent_reflns_obs                    99.4 
_refine.ls_percent_reflns_R_free                 4.99 
_refine.ls_R_factor_all                          ? 
_refine.ls_R_factor_obs                          0.1861 
_refine.ls_R_factor_R_free                       0.2042 
_refine.ls_R_factor_R_free_error                 ? 
_refine.ls_R_factor_R_free_error_details         ? 
_refine.ls_R_factor_R_work                       0.1851 
_refine.ls_R_Fsqd_factor_obs                     ? 
_refine.ls_R_I_factor_obs                        ? 
_refine.ls_redundancy_reflns_all                 ? 
_refine.ls_redundancy_reflns_obs                 ? 
_refine.ls_restrained_S_all                      ? 
_refine.ls_restrained_S_obs                      ? 
_refine.ls_shift_over_esd_max                    ? 
_refine.ls_shift_over_esd_mean                   ? 
_refine.ls_structure_factor_coef                 ? 
_refine.ls_weighting_details                     ? 
_refine.ls_weighting_scheme                      ? 
_refine.ls_wR_factor_all                         ? 
_refine.ls_wR_factor_obs                         ? 
_refine.ls_wR_factor_R_free                      ? 
_refine.ls_wR_factor_R_work                      ? 
_refine.occupancy_max                            ? 
_refine.occupancy_min                            ? 
_refine.solvent_model_details                    ? 
_refine.solvent_model_param_bsol                 ? 
_refine.solvent_model_param_ksol                 ? 
_refine.ls_R_factor_gt                           ? 
_refine.ls_goodness_of_fit_gt                    ? 
_refine.ls_goodness_of_fit_ref                   ? 
_refine.ls_shift_over_su_max                     ? 
_refine.ls_shift_over_su_max_lt                  ? 
_refine.ls_shift_over_su_mean                    ? 
_refine.ls_shift_over_su_mean_lt                 ? 
_refine.pdbx_ls_sigma_I                          ? 
_refine.pdbx_ls_sigma_F                          ? 
_refine.pdbx_ls_sigma_Fsqd                       ? 
_refine.pdbx_data_cutoff_high_absF               ? 
_refine.pdbx_data_cutoff_high_rms_absF           ? 
_refine.pdbx_data_cutoff_low_absF                ? 
_refine.pdbx_isotropic_thermal_model             ? 
_refine.pdbx_ls_cross_valid_method               THROUGHOUT 
_refine.pdbx_method_to_determine_struct          'MOLECULAR REPLACEMENT' 
_refine.pdbx_starting_model                      2EVB 
_refine.pdbx_stereochemistry_target_values       ? 
_refine.pdbx_R_Free_selection_details            Rondom 
_refine.pdbx_stereochem_target_val_spec_case     ? 
_refine.pdbx_overall_ESU_R                       ? 
_refine.pdbx_overall_ESU_R_Free                  ? 
_refine.pdbx_solvent_vdw_probe_radii             1.11 
_refine.pdbx_solvent_ion_probe_radii             ? 
_refine.pdbx_solvent_shrinkage_radii             0.90 
_refine.pdbx_real_space_R                        ? 
_refine.pdbx_density_correlation                 ? 
_refine.pdbx_pd_number_of_powder_patterns        ? 
_refine.pdbx_pd_number_of_points                 ? 
_refine.pdbx_pd_meas_number_of_points            ? 
_refine.pdbx_pd_proc_ls_prof_R_factor            ? 
_refine.pdbx_pd_proc_ls_prof_wR_factor           ? 
_refine.pdbx_pd_Marquardt_correlation_coeff      ? 
_refine.pdbx_pd_Fsqrd_R_factor                   ? 
_refine.pdbx_pd_ls_matrix_band_width             ? 
_refine.pdbx_overall_phase_error                 21.34 
_refine.pdbx_overall_SU_R_free_Cruickshank_DPI   ? 
_refine.pdbx_overall_SU_R_free_Blow_DPI          ? 
_refine.pdbx_overall_SU_R_Blow_DPI               ? 
_refine.pdbx_TLS_residual_ADP_flag               ? 
_refine.pdbx_diffrn_id                           1 
_refine.overall_SU_B                             ? 
_refine.overall_SU_ML                            0.10 
_refine.overall_SU_R_Cruickshank_DPI             ? 
_refine.overall_SU_R_free                        ? 
_refine.overall_FOM_free_R_set                   ? 
_refine.overall_FOM_work_R_set                   ? 
_refine.pdbx_average_fsc_overall                 ? 
_refine.pdbx_average_fsc_work                    ? 
_refine.pdbx_average_fsc_free                    ? 
# 
_refine_hist.pdbx_refine_id                   'X-RAY DIFFRACTION' 
_refine_hist.cycle_id                         LAST 
_refine_hist.pdbx_number_atoms_protein        543 
_refine_hist.pdbx_number_atoms_nucleic_acid   0 
_refine_hist.pdbx_number_atoms_ligand         0 
_refine_hist.number_atoms_solvent             105 
_refine_hist.number_atoms_total               648 
_refine_hist.d_res_high                       1.5 
_refine_hist.d_res_low                        33.8 
# 
_refine_ls_shell.pdbx_refine_id                   'X-RAY DIFFRACTION' 
_refine_ls_shell.d_res_high                       1.50 
_refine_ls_shell.d_res_low                        1.65 
_refine_ls_shell.number_reflns_all                ? 
_refine_ls_shell.number_reflns_obs                ? 
_refine_ls_shell.number_reflns_R_free             126 
_refine_ls_shell.number_reflns_R_work             2635 
_refine_ls_shell.percent_reflns_obs               100.0 
_refine_ls_shell.percent_reflns_R_free            4.56 
_refine_ls_shell.R_factor_all                     ? 
_refine_ls_shell.R_factor_obs                     ? 
_refine_ls_shell.R_factor_R_free                  0.2170 
_refine_ls_shell.R_factor_R_free_error            ? 
_refine_ls_shell.R_factor_R_work                  0.1958 
_refine_ls_shell.redundancy_reflns_all            ? 
_refine_ls_shell.redundancy_reflns_obs            ? 
_refine_ls_shell.wR_factor_all                    ? 
_refine_ls_shell.wR_factor_obs                    ? 
_refine_ls_shell.wR_factor_R_free                 ? 
_refine_ls_shell.wR_factor_R_work                 ? 
_refine_ls_shell.pdbx_total_number_of_bins_used   ? 
_refine_ls_shell.pdbx_phase_error                 ? 
_refine_ls_shell.pdbx_fsc_work                    ? 
_refine_ls_shell.pdbx_fsc_free                    ? 
# 
_struct.entry_id                     5GUA 
_struct.title                        
'Structure of biotin carboxyl carrier protein from pyrococcus horikoshi OT3 (delta N79) A138Y mutant' 
_struct.pdbx_model_details           ? 
_struct.pdbx_formula_weight          ? 
_struct.pdbx_formula_weight_method   ? 
_struct.pdbx_model_type_details      ? 
_struct.pdbx_CASP_flag               N 
# 
_struct_keywords.entry_id        5GUA 
_struct_keywords.text            'Surface engineering, Crystal packing, Crystal contact engineering, TRANSFERASE' 
_struct_keywords.pdbx_keywords   TRANSFERASE 
# 
loop_
_struct_asym.id 
_struct_asym.pdbx_blank_PDB_chainid_flag 
_struct_asym.pdbx_modified 
_struct_asym.entity_id 
_struct_asym.details 
A N N 1 ? 
B N N 2 ? 
# 
loop_
_struct_sheet.id 
_struct_sheet.type 
_struct_sheet.number_strands 
_struct_sheet.details 
AA1 ? 4 ? 
AA2 ? 4 ? 
# 
loop_
_struct_sheet_order.sheet_id 
_struct_sheet_order.range_id_1 
_struct_sheet_order.range_id_2 
_struct_sheet_order.offset 
_struct_sheet_order.sense 
AA1 1 2 ? anti-parallel 
AA1 2 3 ? anti-parallel 
AA1 3 4 ? anti-parallel 
AA2 1 2 ? anti-parallel 
AA2 2 3 ? anti-parallel 
AA2 3 4 ? anti-parallel 
# 
loop_
_struct_sheet_range.sheet_id 
_struct_sheet_range.id 
_struct_sheet_range.beg_label_comp_id 
_struct_sheet_range.beg_label_asym_id 
_struct_sheet_range.beg_label_seq_id 
_struct_sheet_range.pdbx_beg_PDB_ins_code 
_struct_sheet_range.end_label_comp_id 
_struct_sheet_range.end_label_asym_id 
_struct_sheet_range.end_label_seq_id 
_struct_sheet_range.pdbx_end_PDB_ins_code 
_struct_sheet_range.beg_auth_comp_id 
_struct_sheet_range.beg_auth_asym_id 
_struct_sheet_range.beg_auth_seq_id 
_struct_sheet_range.end_auth_comp_id 
_struct_sheet_range.end_auth_asym_id 
_struct_sheet_range.end_auth_seq_id 
AA1 1 ASN A 3  ? SER A 6  ? ASN A 81  SER A 84  
AA1 2 PRO A 66 ? LEU A 70 ? PRO A 144 LEU A 148 
AA1 3 GLY A 48 ? ILE A 53 ? GLY A 126 ILE A 131 
AA1 4 ARG A 23 ? VAL A 24 ? ARG A 101 VAL A 102 
AA2 1 MET A 38 ? PRO A 43 ? MET A 116 PRO A 121 
AA2 2 GLY A 29 ? ALA A 35 ? GLY A 107 ALA A 113 
AA2 3 GLY A 11 ? VAL A 16 ? GLY A 89  VAL A 94  
AA2 4 TYR A 60 ? VAL A 61 ? TYR A 138 VAL A 139 
# 
loop_
_pdbx_struct_sheet_hbond.sheet_id 
_pdbx_struct_sheet_hbond.range_id_1 
_pdbx_struct_sheet_hbond.range_id_2 
_pdbx_struct_sheet_hbond.range_1_label_atom_id 
_pdbx_struct_sheet_hbond.range_1_label_comp_id 
_pdbx_struct_sheet_hbond.range_1_label_asym_id 
_pdbx_struct_sheet_hbond.range_1_label_seq_id 
_pdbx_struct_sheet_hbond.range_1_PDB_ins_code 
_pdbx_struct_sheet_hbond.range_1_auth_atom_id 
_pdbx_struct_sheet_hbond.range_1_auth_comp_id 
_pdbx_struct_sheet_hbond.range_1_auth_asym_id 
_pdbx_struct_sheet_hbond.range_1_auth_seq_id 
_pdbx_struct_sheet_hbond.range_2_label_atom_id 
_pdbx_struct_sheet_hbond.range_2_label_comp_id 
_pdbx_struct_sheet_hbond.range_2_label_asym_id 
_pdbx_struct_sheet_hbond.range_2_label_seq_id 
_pdbx_struct_sheet_hbond.range_2_PDB_ins_code 
_pdbx_struct_sheet_hbond.range_2_auth_atom_id 
_pdbx_struct_sheet_hbond.range_2_auth_comp_id 
_pdbx_struct_sheet_hbond.range_2_auth_asym_id 
_pdbx_struct_sheet_hbond.range_2_auth_seq_id 
AA1 1 2 N VAL A 5  ? N VAL A 83  O ILE A 68 ? O ILE A 146 
AA1 2 3 O GLU A 69 ? O GLU A 147 N LYS A 51 ? N LYS A 129 
AA1 3 4 O GLY A 48 ? O GLY A 126 N VAL A 24 ? N VAL A 102 
AA2 1 2 O ILE A 42 ? O ILE A 120 N LEU A 30 ? N LEU A 108 
AA2 2 3 O GLU A 34 ? O GLU A 112 N LYS A 12 ? N LYS A 90  
AA2 3 4 N GLY A 11 ? N GLY A 89  O VAL A 61 ? O VAL A 139 
# 
_atom_sites.entry_id                    5GUA 
_atom_sites.fract_transf_matrix[1][1]   0.02363825 
_atom_sites.fract_transf_matrix[1][2]   0.01294732 
_atom_sites.fract_transf_matrix[1][3]   0.01214119 
_atom_sites.fract_transf_matrix[2][1]   -0.00098267 
_atom_sites.fract_transf_matrix[2][2]   0.00921673 
_atom_sites.fract_transf_matrix[2][3]   0.02806920 
_atom_sites.fract_transf_matrix[3][1]   0.00433681 
_atom_sites.fract_transf_matrix[3][2]   -0.01164621 
_atom_sites.fract_transf_matrix[3][3]   0.00397595 
_atom_sites.fract_transf_vector[1]      0.472616 
_atom_sites.fract_transf_vector[2]      -0.159402 
_atom_sites.fract_transf_vector[3]      0.044506 
# 
loop_
_atom_type.symbol 
C 
N 
O 
S 
# 
loop_
_atom_site.group_PDB 
_atom_site.id 
_atom_site.type_symbol 
_atom_site.label_atom_id 
_atom_site.label_alt_id 
_atom_site.label_comp_id 
_atom_site.label_asym_id 
_atom_site.label_entity_id 
_atom_site.label_seq_id 
_atom_site.pdbx_PDB_ins_code 
_atom_site.Cartn_x 
_atom_site.Cartn_y 
_atom_site.Cartn_z 
_atom_site.occupancy 
_atom_site.B_iso_or_equiv 
_atom_site.pdbx_formal_charge 
_atom_site.auth_seq_id 
_atom_site.auth_comp_id 
_atom_site.auth_asym_id 
_atom_site.auth_atom_id 
_atom_site.pdbx_PDB_model_num 
ATOM   1   N N   . MET A 1 1  ? -11.166 1.257   14.791  1.00 47.18 ? 79  MET A N   1 
ATOM   2   C CA  . MET A 1 1  ? -10.864 0.014   14.092  1.00 40.26 ? 79  MET A CA  1 
ATOM   3   C C   . MET A 1 1  ? -9.775  0.212   13.032  1.00 44.97 ? 79  MET A C   1 
ATOM   4   O O   . MET A 1 1  ? -10.072 0.324   11.842  1.00 35.61 ? 79  MET A O   1 
ATOM   5   C CB  . MET A 1 1  ? -12.128 -0.558  13.446  1.00 44.65 ? 79  MET A CB  1 
ATOM   6   C CG  . MET A 1 1  ? -12.937 0.459   12.658  1.00 54.98 ? 79  MET A CG  1 
ATOM   7   S SD  . MET A 1 1  ? -12.701 0.306   10.876  1.00 73.24 ? 79  MET A SD  1 
ATOM   8   C CE  . MET A 1 1  ? -13.965 1.420   10.269  1.00 38.61 ? 79  MET A CE  1 
ATOM   9   N N   . GLU A 1 2  ? -8.519  0.204   13.463  1.00 33.05 ? 80  GLU A N   1 
ATOM   10  C CA  . GLU A 1 2  ? -7.415  0.244   12.522  1.00 28.30 ? 80  GLU A CA  1 
ATOM   11  C C   . GLU A 1 2  ? -7.553  -0.969  11.606  1.00 31.44 ? 80  GLU A C   1 
ATOM   12  O O   . GLU A 1 2  ? -8.068  -2.019  12.018  1.00 25.50 ? 80  GLU A O   1 
ATOM   13  C CB  . GLU A 1 2  ? -6.061  0.244   13.253  1.00 28.27 ? 80  GLU A CB  1 
ATOM   14  C CG  . GLU A 1 2  ? -5.959  1.289   14.336  1.00 29.70 ? 80  GLU A CG  1 
ATOM   15  C CD  . GLU A 1 2  ? -4.854  1.026   15.332  1.00 34.36 ? 80  GLU A CD  1 
ATOM   16  O OE1 . GLU A 1 2  ? -4.550  -0.151  15.625  1.00 38.62 ? 80  GLU A OE1 1 
ATOM   17  O OE2 . GLU A 1 2  ? -4.297  2.023   15.830  1.00 33.04 ? 80  GLU A OE2 1 
ATOM   18  N N   . ASN A 1 3  ? -7.086  -0.839  10.372  1.00 23.30 ? 81  ASN A N   1 
ATOM   19  C CA  . ASN A 1 3  ? -7.034  -1.989  9.460   1.00 25.54 ? 81  ASN A CA  1 
ATOM   20  C C   . ASN A 1 3  ? -5.875  -1.947  8.475   1.00 22.45 ? 81  ASN A C   1 
ATOM   21  O O   . ASN A 1 3  ? -5.338  -0.882  8.163   1.00 18.98 ? 81  ASN A O   1 
ATOM   22  C CB  . ASN A 1 3  ? -8.365  -2.309  8.743   1.00 27.76 ? 81  ASN A CB  1 
ATOM   23  C CG  . ASN A 1 3  ? -9.232  -1.091  8.487   1.00 31.69 ? 81  ASN A CG  1 
ATOM   24  O OD1 . ASN A 1 3  ? -9.375  -0.647  7.346   1.00 31.01 ? 81  ASN A OD1 1 
ATOM   25  N ND2 . ASN A 1 3  ? -9.870  -0.586  9.535   1.00 35.46 ? 81  ASN A ND2 1 
ATOM   26  N N   . VAL A 1 4  ? -5.498  -3.125  7.998   1.00 20.35 ? 82  VAL A N   1 
ATOM   27  C CA  . VAL A 1 4  ? -4.267  -3.290  7.259   1.00 15.16 ? 82  VAL A CA  1 
ATOM   28  C C   . VAL A 1 4  ? -4.543  -3.575  5.815   1.00 16.11 ? 82  VAL A C   1 
ATOM   29  O O   . VAL A 1 4  ? -5.432  -4.364  5.480   1.00 18.88 ? 82  VAL A O   1 
ATOM   30  C CB  . VAL A 1 4  ? -3.420  -4.413  7.859   1.00 14.35 ? 82  VAL A CB  1 
ATOM   31  C CG1 . VAL A 1 4  ? -2.269  -4.797  6.954   1.00 21.78 ? 82  VAL A CG1 1 
ATOM   32  C CG2 . VAL A 1 4  ? -2.881  -3.927  9.142   1.00 21.42 ? 82  VAL A CG2 1 
ATOM   33  N N   . VAL A 1 5  ? -3.781  -2.915  4.966   1.00 12.98 ? 83  VAL A N   1 
ATOM   34  C CA  . VAL A 1 5  ? -3.761  -3.200  3.545   1.00 11.98 ? 83  VAL A CA  1 
ATOM   35  C C   . VAL A 1 5  ? -2.644  -4.193  3.278   1.00 13.30 ? 83  VAL A C   1 
ATOM   36  O O   . VAL A 1 5  ? -1.474  -3.904  3.517   1.00 11.97 ? 83  VAL A O   1 
ATOM   37  C CB  . VAL A 1 5  ? -3.482  -1.930  2.729   1.00 12.32 ? 83  VAL A CB  1 
ATOM   38  C CG1 . VAL A 1 5  ? -3.394  -2.251  1.244   1.00 13.23 ? 83  VAL A CG1 1 
ATOM   39  C CG2 . VAL A 1 5  ? -4.539  -0.874  3.030   1.00 18.68 ? 83  VAL A CG2 1 
ATOM   40  N N   . SER A 1 6  ? -3.019  -5.375  2.790   1.00 13.50 ? 84  SER A N   1 
ATOM   41  C CA  . SER A 1 6  ? -2.042  -6.400  2.465   1.00 12.56 ? 84  SER A CA  1 
ATOM   42  C C   . SER A 1 6  ? -1.900  -6.567  0.955   1.00 11.84 ? 84  SER A C   1 
ATOM   43  O O   . SER A 1 6  ? -2.792  -6.193  0.179   1.00 11.85 ? 84  SER A O   1 
ATOM   44  C CB  . SER A 1 6  ? -2.438  -7.729  3.102   1.00 16.36 ? 84  SER A CB  1 
ATOM   45  O OG  . SER A 1 6  ? -2.547  -7.616  4.521   1.00 17.94 ? 84  SER A OG  1 
ATOM   46  N N   . ALA A 1 7  ? -0.779  -7.133  0.532   1.00 12.13 ? 85  ALA A N   1 
ATOM   47  C CA  . ALA A 1 7  ? -0.557  -7.338  -0.889  1.00 10.74 ? 85  ALA A CA  1 
ATOM   48  C C   . ALA A 1 7  ? -1.606  -8.303  -1.437  1.00 11.66 ? 85  ALA A C   1 
ATOM   49  O O   . ALA A 1 7  ? -1.828  -9.368  -0.867  1.00 12.42 ? 85  ALA A O   1 
ATOM   50  C CB  . ALA A 1 7  ? 0.846   -7.869  -1.128  1.00 11.34 ? 85  ALA A CB  1 
ATOM   51  N N   . PRO A 1 8  ? -2.242  -7.932  -2.547  1.00 12.84 ? 86  PRO A N   1 
ATOM   52  C CA  . PRO A 1 8  ? -3.222  -8.843  -3.153  1.00 10.88 ? 86  PRO A CA  1 
ATOM   53  C C   . PRO A 1 8  ? -2.561  -9.870  -4.082  1.00 12.07 ? 86  PRO A C   1 
ATOM   54  O O   . PRO A 1 8  ? -3.233  -10.808 -4.527  1.00 11.47 ? 86  PRO A O   1 
ATOM   55  C CB  . PRO A 1 8  ? -4.142  -7.900  -3.936  1.00 12.57 ? 86  PRO A CB  1 
ATOM   56  C CG  . PRO A 1 8  ? -3.283  -6.730  -4.280  1.00 13.83 ? 86  PRO A CG  1 
ATOM   57  C CD  . PRO A 1 8  ? -2.296  -6.577  -3.149  1.00 11.15 ? 86  PRO A CD  1 
ATOM   58  N N   . MET A 1 9  ? -1.285  -9.661  -4.382  1.00 12.03 ? 87  MET A N   1 
ATOM   59  C CA  . MET A 1 9  ? -0.519  -10.511 -5.286  1.00 11.36 ? 87  MET A CA  1 
ATOM   60  C C   . MET A 1 9  ? 0.955   -10.256 -4.996  1.00 15.54 ? 87  MET A C   1 
ATOM   61  O O   . MET A 1 9  ? 1.288   -9.273  -4.313  1.00 12.54 ? 87  MET A O   1 
ATOM   62  C CB  . MET A 1 9  ? -0.827  -10.111 -6.750  1.00 13.87 ? 87  MET A CB  1 
ATOM   63  C CG  . MET A 1 9  ? -0.248  -8.764  -7.119  1.00 14.47 ? 87  MET A CG  1 
ATOM   64  S SD  . MET A 1 9  ? -1.092  -7.919  -8.451  1.00 23.63 ? 87  MET A SD  1 
ATOM   65  C CE  . MET A 1 9  ? -2.682  -8.110  -7.943  1.00 23.16 ? 87  MET A CE  1 
ATOM   66  N N   . PRO A 1 10 ? 1.847   -11.127 -5.494  1.00 12.63 ? 88  PRO A N   1 
ATOM   67  C CA  . PRO A 1 10 ? 3.287   -10.882 -5.317  1.00 12.42 ? 88  PRO A CA  1 
ATOM   68  C C   . PRO A 1 10 ? 3.784   -9.806  -6.286  1.00 15.61 ? 88  PRO A C   1 
ATOM   69  O O   . PRO A 1 10 ? 3.215   -9.627  -7.364  1.00 15.65 ? 88  PRO A O   1 
ATOM   70  C CB  . PRO A 1 10 ? 3.927   -12.229 -5.637  1.00 16.21 ? 88  PRO A CB  1 
ATOM   71  C CG  . PRO A 1 10 ? 2.967   -12.868 -6.579  1.00 12.86 ? 88  PRO A CG  1 
ATOM   72  C CD  . PRO A 1 10 ? 1.600   -12.440 -6.134  1.00 14.69 ? 88  PRO A CD  1 
ATOM   73  N N   . GLY A 1 11 ? 4.851   -9.103  -5.924  1.00 13.97 ? 89  GLY A N   1 
ATOM   74  C CA  . GLY A 1 11 ? 5.423   -8.141  -6.841  1.00 14.76 ? 89  GLY A CA  1 
ATOM   75  C C   . GLY A 1 11 ? 6.442   -7.252  -6.165  1.00 10.50 ? 89  GLY A C   1 
ATOM   76  O O   . GLY A 1 11 ? 6.734   -7.431  -4.983  1.00 16.40 ? 89  GLY A O   1 
ATOM   77  N N   . LYS A 1 12 ? 6.972   -6.301  -6.922  1.00 12.73 ? 90  LYS A N   1 
ATOM   78  C CA  . LYS A 1 12 ? 7.964   -5.376  -6.390  1.00 15.37 ? 90  LYS A CA  1 
ATOM   79  C C   . LYS A 1 12 ? 7.341   -4.010  -6.107  1.00 15.93 ? 90  LYS A C   1 
ATOM   80  O O   . LYS A 1 12 ? 6.663   -3.454  -6.971  1.00 15.23 ? 90  LYS A O   1 
ATOM   81  C CB  . LYS A 1 12 ? 9.107   -5.248  -7.392  1.00 16.89 ? 90  LYS A CB  1 
ATOM   82  C CG  . LYS A 1 12 ? 10.347  -4.621  -6.845  1.00 17.82 ? 90  LYS A CG  1 
ATOM   83  C CD  . LYS A 1 12 ? 11.473  -4.893  -7.830  1.00 21.86 ? 90  LYS A CD  1 
ATOM   84  C CE  . LYS A 1 12 ? 12.743  -4.239  -7.371  1.00 25.94 ? 90  LYS A CE  1 
ATOM   85  N NZ  . LYS A 1 12 ? 13.866  -4.643  -8.226  1.00 29.88 ? 90  LYS A NZ  1 
ATOM   86  N N   . VAL A 1 13 ? 7.581   -3.471  -4.913  1.00 14.42 ? 91  VAL A N   1 
ATOM   87  C CA  . VAL A 1 13 ? 7.163   -2.113  -4.583  1.00 17.18 ? 91  VAL A CA  1 
ATOM   88  C C   . VAL A 1 13 ? 8.018   -1.140  -5.363  1.00 15.06 ? 91  VAL A C   1 
ATOM   89  O O   . VAL A 1 13 ? 9.218   -1.012  -5.114  1.00 20.42 ? 91  VAL A O   1 
ATOM   90  C CB  . VAL A 1 13 ? 7.285   -1.827  -3.072  1.00 16.18 ? 91  VAL A CB  1 
ATOM   91  C CG1 . VAL A 1 13 ? 6.895   -0.380  -2.756  1.00 16.85 ? 91  VAL A CG1 1 
ATOM   92  C CG2 . VAL A 1 13 ? 6.436   -2.813  -2.293  1.00 13.32 ? 91  VAL A CG2 1 
ATOM   93  N N   . LEU A 1 14 ? 7.420   -0.444  -6.311  1.00 15.39 ? 92  LEU A N   1 
ATOM   94  C CA  A LEU A 1 14 ? 8.169   0.475   -7.163  0.49 16.76 ? 92  LEU A CA  1 
ATOM   95  C CA  B LEU A 1 14 ? 8.145   0.476   -7.184  0.51 16.75 ? 92  LEU A CA  1 
ATOM   96  C C   . LEU A 1 14 ? 8.092   1.902   -6.647  1.00 19.16 ? 92  LEU A C   1 
ATOM   97  O O   . LEU A 1 14 ? 9.016   2.694   -6.835  1.00 19.61 ? 92  LEU A O   1 
ATOM   98  C CB  A LEU A 1 14 ? 7.663   0.425   -8.604  0.49 17.99 ? 92  LEU A CB  1 
ATOM   99  C CB  B LEU A 1 14 ? 7.564   0.425   -8.600  0.51 18.00 ? 92  LEU A CB  1 
ATOM   100 C CG  A LEU A 1 14 ? 7.777   -0.939  -9.244  0.49 19.34 ? 92  LEU A CG  1 
ATOM   101 C CG  B LEU A 1 14 ? 8.082   1.334   -9.714  0.51 18.27 ? 92  LEU A CG  1 
ATOM   102 C CD1 A LEU A 1 14 ? 7.490   -0.763  -10.684 0.49 19.96 ? 92  LEU A CD1 1 
ATOM   103 C CD1 B LEU A 1 14 ? 9.569   1.109   -9.973  0.51 19.60 ? 92  LEU A CD1 1 
ATOM   104 C CD2 A LEU A 1 14 ? 9.170   -1.461  -9.117  0.49 18.86 ? 92  LEU A CD2 1 
ATOM   105 C CD2 B LEU A 1 14 ? 7.334   1.136   -11.014 0.51 24.05 ? 92  LEU A CD2 1 
ATOM   106 N N   . ARG A 1 15 ? 6.991   2.235   -5.983  1.00 16.53 ? 93  ARG A N   1 
ATOM   107 C CA  . ARG A 1 15 ? 6.805   3.593   -5.498  1.00 14.63 ? 93  ARG A CA  1 
ATOM   108 C C   . ARG A 1 15 ? 5.861   3.579   -4.315  1.00 13.18 ? 93  ARG A C   1 
ATOM   109 O O   . ARG A 1 15 ? 4.873   2.863   -4.344  1.00 14.72 ? 93  ARG A O   1 
ATOM   110 C CB  . ARG A 1 15 ? 6.246   4.468   -6.617  1.00 20.59 ? 93  ARG A CB  1 
ATOM   111 C CG  . ARG A 1 15 ? 6.027   5.906   -6.243  1.00 22.50 ? 93  ARG A CG  1 
ATOM   112 C CD  . ARG A 1 15 ? 7.285   6.725   -6.428  1.00 23.70 ? 93  ARG A CD  1 
ATOM   113 N NE  . ARG A 1 15 ? 6.988   8.151   -6.357  1.00 23.43 ? 93  ARG A NE  1 
ATOM   114 C CZ  . ARG A 1 15 ? 7.414   8.950   -5.387  1.00 34.31 ? 93  ARG A CZ  1 
ATOM   115 N NH1 . ARG A 1 15 ? 8.168   8.459   -4.409  1.00 27.34 ? 93  ARG A NH1 1 
ATOM   116 N NH2 . ARG A 1 15 ? 7.091   10.241  -5.400  1.00 28.67 ? 93  ARG A NH2 1 
ATOM   117 N N   . VAL A 1 16 ? 6.173   4.334   -3.265  1.00 11.23 ? 94  VAL A N   1 
ATOM   118 C CA  . VAL A 1 16 ? 5.230   4.532   -2.167  1.00 12.26 ? 94  VAL A CA  1 
ATOM   119 C C   . VAL A 1 16 ? 4.674   5.931   -2.297  1.00 14.69 ? 94  VAL A C   1 
ATOM   120 O O   . VAL A 1 16 ? 5.434   6.886   -2.407  1.00 15.10 ? 94  VAL A O   1 
ATOM   121 C CB  . VAL A 1 16 ? 5.884   4.320   -0.808  1.00 16.00 ? 94  VAL A CB  1 
ATOM   122 C CG1 . VAL A 1 16 ? 4.918   4.684   0.302   1.00 15.29 ? 94  VAL A CG1 1 
ATOM   123 C CG2 . VAL A 1 16 ? 6.326   2.858   -0.683  1.00 13.87 ? 94  VAL A CG2 1 
ATOM   124 N N   . LEU A 1 17 ? 3.346   6.049   -2.323  1.00 11.26 ? 95  LEU A N   1 
ATOM   125 C CA  . LEU A 1 17 ? 2.704   7.280   -2.747  1.00 12.74 ? 95  LEU A CA  1 
ATOM   126 C C   . LEU A 1 17 ? 2.228   8.147   -1.590  1.00 11.65 ? 95  LEU A C   1 
ATOM   127 O O   . LEU A 1 17 ? 1.750   9.251   -1.812  1.00 17.42 ? 95  LEU A O   1 
ATOM   128 C CB  . LEU A 1 17 ? 1.525   6.967   -3.677  1.00 11.79 ? 95  LEU A CB  1 
ATOM   129 C CG  . LEU A 1 17 ? 1.874   6.198   -4.955  1.00 14.25 ? 95  LEU A CG  1 
ATOM   130 C CD1 . LEU A 1 17 ? 0.599   5.754   -5.656  1.00 14.68 ? 95  LEU A CD1 1 
ATOM   131 C CD2 . LEU A 1 17 ? 2.684   7.068   -5.882  1.00 18.23 ? 95  LEU A CD2 1 
ATOM   132 N N   . VAL A 1 18 ? 2.353   7.627   -0.373  1.00 10.45 ? 96  VAL A N   1 
ATOM   133 C CA  . VAL A 1 18 ? 1.899   8.321   0.824   1.00 9.66  ? 96  VAL A CA  1 
ATOM   134 C C   . VAL A 1 18 ? 2.993   8.365   1.880   1.00 12.46 ? 96  VAL A C   1 
ATOM   135 O O   . VAL A 1 18 ? 3.999   7.651   1.791   1.00 11.63 ? 96  VAL A O   1 
ATOM   136 C CB  . VAL A 1 18 ? 0.649   7.648   1.439   1.00 9.98  ? 96  VAL A CB  1 
ATOM   137 C CG1 . VAL A 1 18 ? -0.538  7.790   0.491   1.00 13.78 ? 96  VAL A CG1 1 
ATOM   138 C CG2 . VAL A 1 18 ? 0.926   6.186   1.713   1.00 10.85 ? 96  VAL A CG2 1 
ATOM   139 N N   . ARG A 1 19 ? 2.776   9.203   2.886   1.00 11.78 ? 97  ARG A N   1 
ATOM   140 C CA  . ARG A 1 19 ? 3.672   9.294   4.027   1.00 10.74 ? 97  ARG A CA  1 
ATOM   141 C C   . ARG A 1 19 ? 2.901   8.957   5.291   1.00 10.47 ? 97  ARG A C   1 
ATOM   142 O O   . ARG A 1 19 ? 1.677   9.100   5.323   1.00 10.01 ? 97  ARG A O   1 
ATOM   143 C CB  . ARG A 1 19 ? 4.225   10.698  4.151   1.00 15.44 ? 97  ARG A CB  1 
ATOM   144 C CG  . ARG A 1 19 ? 5.181   11.051  3.042   1.00 20.60 ? 97  ARG A CG  1 
ATOM   145 C CD  . ARG A 1 19 ? 5.812   12.409  3.348   1.00 31.58 ? 97  ARG A CD  1 
ATOM   146 N NE  . ARG A 1 19 ? 4.929   13.565  3.559   1.00 47.03 ? 97  ARG A NE  1 
ATOM   147 C CZ  . ARG A 1 19 ? 4.787   14.247  4.706   1.00 50.43 ? 97  ARG A CZ  1 
ATOM   148 N NH1 . ARG A 1 19 ? 5.436   13.878  5.771   1.00 50.63 ? 97  ARG A NH1 1 
ATOM   149 N NH2 . ARG A 1 19 ? 3.977   15.292  4.783   1.00 51.90 ? 97  ARG A NH2 1 
ATOM   150 N N   . VAL A 1 20 ? 3.589   8.520   6.336   1.00 9.47  ? 98  VAL A N   1 
ATOM   151 C CA  . VAL A 1 20 ? 2.938   8.296   7.621   1.00 10.17 ? 98  VAL A CA  1 
ATOM   152 C C   . VAL A 1 20 ? 2.274   9.617   8.064   1.00 9.22  ? 98  VAL A C   1 
ATOM   153 O O   . VAL A 1 20 ? 2.851   10.706  7.973   1.00 11.70 ? 98  VAL A O   1 
ATOM   154 C CB  . VAL A 1 20 ? 3.983   7.834   8.659   1.00 9.01  ? 98  VAL A CB  1 
ATOM   155 C CG1 . VAL A 1 20 ? 3.412   7.850   10.058  1.00 11.26 ? 98  VAL A CG1 1 
ATOM   156 C CG2 . VAL A 1 20 ? 4.464   6.439   8.302   1.00 11.29 ? 98  VAL A CG2 1 
ATOM   157 N N   . GLY A 1 21 ? 1.023   9.495   8.495   1.00 7.80  ? 99  GLY A N   1 
ATOM   158 C CA  . GLY A 1 21 ? 0.239   10.637  8.913   1.00 8.69  ? 99  GLY A CA  1 
ATOM   159 C C   . GLY A 1 21 ? -0.677  11.244  7.861   1.00 8.83  ? 99  GLY A C   1 
ATOM   160 O O   . GLY A 1 21 ? -1.492  12.110  8.186   1.00 10.81 ? 99  GLY A O   1 
ATOM   161 N N   . ASP A 1 22 ? -0.543  10.822  6.606   1.00 9.39  ? 100 ASP A N   1 
ATOM   162 C CA  . ASP A 1 22 ? -1.380  11.380  5.543   1.00 9.43  ? 100 ASP A CA  1 
ATOM   163 C C   . ASP A 1 22 ? -2.842  10.968  5.690   1.00 8.66  ? 100 ASP A C   1 
ATOM   164 O O   . ASP A 1 22 ? -3.155  9.814   5.990   1.00 9.68  ? 100 ASP A O   1 
ATOM   165 C CB  . ASP A 1 22 ? -0.919  10.919  4.156   1.00 11.25 ? 100 ASP A CB  1 
ATOM   166 C CG  . ASP A 1 22 ? 0.314   11.631  3.655   1.00 13.48 ? 100 ASP A CG  1 
ATOM   167 O OD1 . ASP A 1 22 ? 0.789   12.581  4.319   1.00 16.09 ? 100 ASP A OD1 1 
ATOM   168 O OD2 . ASP A 1 22 ? 0.792   11.234  2.561   1.00 13.24 ? 100 ASP A OD2 1 
ATOM   169 N N   . ARG A 1 23 ? -3.740  11.909  5.438   1.00 8.19  ? 101 ARG A N   1 
ATOM   170 C CA  . ARG A 1 23 ? -5.143  11.583  5.218   1.00 9.31  ? 101 ARG A CA  1 
ATOM   171 C C   . ARG A 1 23 ? -5.298  10.946  3.846   1.00 9.82  ? 101 ARG A C   1 
ATOM   172 O O   . ARG A 1 23 ? -4.741  11.455  2.861   1.00 11.89 ? 101 ARG A O   1 
ATOM   173 C CB  . ARG A 1 23 ? -6.007  12.839  5.324   1.00 9.09  ? 101 ARG A CB  1 
ATOM   174 C CG  . ARG A 1 23 ? -7.484  12.539  5.203   1.00 10.36 ? 101 ARG A CG  1 
ATOM   175 C CD  . ARG A 1 23 ? -8.330  13.787  5.311   1.00 11.09 ? 101 ARG A CD  1 
ATOM   176 N NE  . ARG A 1 23 ? -9.751  13.450  5.396   1.00 11.97 ? 101 ARG A NE  1 
ATOM   177 C CZ  . ARG A 1 23 ? -10.712 14.339  5.633   1.00 12.25 ? 101 ARG A CZ  1 
ATOM   178 N NH1 . ARG A 1 23 ? -10.408 15.618  5.801   1.00 12.44 ? 101 ARG A NH1 1 
ATOM   179 N NH2 . ARG A 1 23 ? -11.974 13.949  5.696   1.00 16.31 ? 101 ARG A NH2 1 
ATOM   180 N N   . VAL A 1 24 ? -6.037  9.837   3.779   1.00 6.77  ? 102 VAL A N   1 
ATOM   181 C CA  . VAL A 1 24 ? -6.299  9.206   2.497   1.00 7.50  ? 102 VAL A CA  1 
ATOM   182 C C   . VAL A 1 24 ? -7.791  9.015   2.267   1.00 7.02  ? 102 VAL A C   1 
ATOM   183 O O   . VAL A 1 24 ? -8.590  9.039   3.195   1.00 9.57  ? 102 VAL A O   1 
ATOM   184 C CB  . VAL A 1 24 ? -5.583  7.859   2.377   1.00 7.39  ? 102 VAL A CB  1 
ATOM   185 C CG1 . VAL A 1 24 ? -4.086  8.083   2.327   1.00 10.04 ? 102 VAL A CG1 1 
ATOM   186 C CG2 . VAL A 1 24 ? -5.966  6.932   3.526   1.00 9.95  ? 102 VAL A CG2 1 
ATOM   187 N N   . ARG A 1 25 ? -8.144  8.844   0.996   1.00 9.35  ? 103 ARG A N   1 
ATOM   188 C CA  . ARG A 1 25 ? -9.512  8.571   0.584   1.00 9.88  ? 103 ARG A CA  1 
ATOM   189 C C   . ARG A 1 25 ? -9.653  7.125   0.136   1.00 7.76  ? 103 ARG A C   1 
ATOM   190 O O   . ARG A 1 25 ? -8.687  6.523   -0.342  1.00 10.06 ? 103 ARG A O   1 
ATOM   191 C CB  . ARG A 1 25 ? -9.928  9.500   -0.568  1.00 9.27  ? 103 ARG A CB  1 
ATOM   192 C CG  . ARG A 1 25 ? -10.054 10.975  -0.224  1.00 10.56 ? 103 ARG A CG  1 
ATOM   193 C CD  . ARG A 1 25 ? -10.477 11.708  -1.491  1.00 12.89 ? 103 ARG A CD  1 
ATOM   194 N NE  . ARG A 1 25 ? -10.929 13.074  -1.238  1.00 14.23 ? 103 ARG A NE  1 
ATOM   195 C CZ  . ARG A 1 25 ? -10.110 14.103  -1.161  1.00 13.20 ? 103 ARG A CZ  1 
ATOM   196 N NH1 . ARG A 1 25 ? -8.798  13.924  -1.303  1.00 12.96 ? 103 ARG A NH1 1 
ATOM   197 N NH2 . ARG A 1 25 ? -10.608 15.313  -0.937  1.00 12.11 ? 103 ARG A NH2 1 
ATOM   198 N N   . VAL A 1 26 ? -10.850 6.563   0.267   1.00 9.28  ? 104 VAL A N   1 
ATOM   199 C CA  . VAL A 1 26 ? -11.111 5.258   -0.329  1.00 9.75  ? 104 VAL A CA  1 
ATOM   200 C C   . VAL A 1 26 ? -10.757 5.308   -1.824  1.00 8.90  ? 104 VAL A C   1 
ATOM   201 O O   . VAL A 1 26 ? -11.068 6.276   -2.534  1.00 10.82 ? 104 VAL A O   1 
ATOM   202 C CB  . VAL A 1 26 ? -12.574 4.817   -0.121  1.00 9.33  ? 104 VAL A CB  1 
ATOM   203 C CG1 . VAL A 1 26 ? -13.562 5.805   -0.762  1.00 12.75 ? 104 VAL A CG1 1 
ATOM   204 C CG2 . VAL A 1 26 ? -12.777 3.427   -0.672  1.00 10.63 ? 104 VAL A CG2 1 
ATOM   205 N N   . GLY A 1 27 ? -10.078 4.268   -2.289  1.00 7.20  ? 105 GLY A N   1 
ATOM   206 C CA  . GLY A 1 27 ? -9.661  4.193   -3.678  1.00 7.76  ? 105 GLY A CA  1 
ATOM   207 C C   . GLY A 1 27 ? -8.365  4.914   -4.017  1.00 8.45  ? 105 GLY A C   1 
ATOM   208 O O   . GLY A 1 27 ? -7.854  4.792   -5.129  1.00 10.01 ? 105 GLY A O   1 
ATOM   209 N N   . GLN A 1 28 ? -7.824  5.673   -3.070  1.00 8.70  ? 106 GLN A N   1 
ATOM   210 C CA  . GLN A 1 28 ? -6.571  6.382   -3.308  1.00 8.45  ? 106 GLN A CA  1 
ATOM   211 C C   . GLN A 1 28 ? -5.398  5.407   -3.388  1.00 7.96  ? 106 GLN A C   1 
ATOM   212 O O   . GLN A 1 28 ? -5.314  4.466   -2.605  1.00 9.10  ? 106 GLN A O   1 
ATOM   213 C CB  . GLN A 1 28 ? -6.318  7.425   -2.214  1.00 9.13  ? 106 GLN A CB  1 
ATOM   214 C CG  . GLN A 1 28 ? -5.003  8.173   -2.366  1.00 8.81  ? 106 GLN A CG  1 
ATOM   215 C CD  . GLN A 1 28 ? -4.863  9.290   -1.359  1.00 9.35  ? 106 GLN A CD  1 
ATOM   216 O OE1 . GLN A 1 28 ? -5.816  9.608   -0.644  1.00 10.98 ? 106 GLN A OE1 1 
ATOM   217 N NE2 . GLN A 1 28 ? -3.683  9.877   -1.278  1.00 12.20 ? 106 GLN A NE2 1 
ATOM   218 N N   . GLY A 1 29 ? -4.496  5.634   -4.334  1.00 9.62  ? 107 GLY A N   1 
ATOM   219 C CA  . GLY A 1 29 ? -3.316  4.802   -4.464  1.00 8.98  ? 107 GLY A CA  1 
ATOM   220 C C   . GLY A 1 29 ? -2.361  5.023   -3.306  1.00 8.72  ? 107 GLY A C   1 
ATOM   221 O O   . GLY A 1 29 ? -2.007  6.169   -2.997  1.00 10.91 ? 107 GLY A O   1 
ATOM   222 N N   . LEU A 1 30 ? -1.947  3.933   -2.666  1.00 8.85  ? 108 LEU A N   1 
ATOM   223 C CA  . LEU A 1 30 ? -1.004  3.991   -1.546  1.00 9.68  ? 108 LEU A CA  1 
ATOM   224 C C   . LEU A 1 30 ? 0.408   3.655   -1.978  1.00 10.16 ? 108 LEU A C   1 
ATOM   225 O O   . LEU A 1 30 ? 1.375   4.219   -1.452  1.00 11.27 ? 108 LEU A O   1 
ATOM   226 C CB  . LEU A 1 30 ? -1.436  3.038   -0.427  1.00 10.18 ? 108 LEU A CB  1 
ATOM   227 C CG  . LEU A 1 30 ? -2.838  3.306   0.149   1.00 8.58  ? 108 LEU A CG  1 
ATOM   228 C CD1 . LEU A 1 30 ? -3.285  2.187   1.099   1.00 12.51 ? 108 LEU A CD1 1 
ATOM   229 C CD2 . LEU A 1 30 ? -2.892  4.665   0.844   1.00 13.00 ? 108 LEU A CD2 1 
ATOM   230 N N   . LEU A 1 31 ? 0.527   2.721   -2.917  1.00 10.04 ? 109 LEU A N   1 
ATOM   231 C CA  . LEU A 1 31 ? 1.823   2.378   -3.493  1.00 10.57 ? 109 LEU A CA  1 
ATOM   232 C C   . LEU A 1 31 ? 1.603   1.776   -4.856  1.00 11.26 ? 109 LEU A C   1 
ATOM   233 O O   . LEU A 1 31 ? 0.474   1.422   -5.212  1.00 11.49 ? 109 LEU A O   1 
ATOM   234 C CB  . LEU A 1 31 ? 2.592   1.412   -2.585  1.00 11.96 ? 109 LEU A CB  1 
ATOM   235 C CG  . LEU A 1 31 ? 1.930   0.085   -2.209  1.00 13.14 ? 109 LEU A CG  1 
ATOM   236 C CD1 . LEU A 1 31 ? 2.332   -1.005  -3.171  1.00 15.26 ? 109 LEU A CD1 1 
ATOM   237 C CD2 . LEU A 1 31 ? 2.320   -0.303  -0.796  1.00 18.84 ? 109 LEU A CD2 1 
ATOM   238 N N   . VAL A 1 32 ? 2.686   1.658   -5.612  1.00 10.44 ? 110 VAL A N   1 
ATOM   239 C CA  . VAL A 1 32 ? 2.645   1.036   -6.913  1.00 12.71 ? 110 VAL A CA  1 
ATOM   240 C C   . VAL A 1 32 ? 3.392   -0.282  -6.834  1.00 13.96 ? 110 VAL A C   1 
ATOM   241 O O   . VAL A 1 32 ? 4.567   -0.339  -6.449  1.00 13.56 ? 110 VAL A O   1 
ATOM   242 C CB  . VAL A 1 32 ? 3.281   1.925   -7.986  1.00 12.56 ? 110 VAL A CB  1 
ATOM   243 C CG1 . VAL A 1 32 ? 3.144   1.260   -9.356  1.00 15.86 ? 110 VAL A CG1 1 
ATOM   244 C CG2 . VAL A 1 32 ? 2.645   3.295   -7.979  1.00 15.38 ? 110 VAL A CG2 1 
ATOM   245 N N   . LEU A 1 33 ? 2.688   -1.349  -7.199  1.00 12.89 ? 111 LEU A N   1 
ATOM   246 C CA  . LEU A 1 33 ? 3.230   -2.697  -7.160  1.00 10.17 ? 111 LEU A CA  1 
ATOM   247 C C   . LEU A 1 33 ? 3.460   -3.211  -8.584  1.00 14.11 ? 111 LEU A C   1 
ATOM   248 O O   . LEU A 1 33 ? 2.522   -3.296  -9.380  1.00 14.98 ? 111 LEU A O   1 
ATOM   249 C CB  . LEU A 1 33 ? 2.279   -3.614  -6.397  1.00 16.73 ? 111 LEU A CB  1 
ATOM   250 C CG  . LEU A 1 33 ? 2.707   -5.043  -6.075  1.00 13.09 ? 111 LEU A CG  1 
ATOM   251 C CD1 . LEU A 1 33 ? 3.934   -5.024  -5.183  1.00 17.20 ? 111 LEU A CD1 1 
ATOM   252 C CD2 . LEU A 1 33 ? 1.565   -5.792  -5.391  1.00 16.61 ? 111 LEU A CD2 1 
ATOM   253 N N   . GLU A 1 34 ? 4.704   -3.577  -8.889  1.00 13.93 ? 112 GLU A N   1 
ATOM   254 C CA  . GLU A 1 34 ? 5.040   -4.165  -10.182 1.00 17.33 ? 112 GLU A CA  1 
ATOM   255 C C   . GLU A 1 34 ? 4.689   -5.649  -10.182 1.00 19.49 ? 112 GLU A C   1 
ATOM   256 O O   . GLU A 1 34 ? 5.320   -6.430  -9.471  1.00 21.75 ? 112 GLU A O   1 
ATOM   257 C CB  . GLU A 1 34 ? 6.532   -3.988  -10.480 1.00 17.92 ? 112 GLU A CB  1 
ATOM   258 C CG  . GLU A 1 34 ? 7.024   -4.850  -11.625 1.00 27.39 ? 112 GLU A CG  1 
ATOM   259 C CD  . GLU A 1 34 ? 6.408   -4.433  -12.925 1.00 31.94 ? 112 GLU A CD  1 
ATOM   260 O OE1 . GLU A 1 34 ? 6.142   -3.226  -13.061 1.00 28.49 ? 112 GLU A OE1 1 
ATOM   261 O OE2 . GLU A 1 34 ? 6.173   -5.299  -13.801 1.00 49.06 ? 112 GLU A OE2 1 
ATOM   262 N N   . ALA A 1 35 ? 3.688   -6.031  -10.975 1.00 19.35 ? 113 ALA A N   1 
ATOM   263 C CA  . ALA A 1 35 ? 3.232   -7.421  -11.038 1.00 19.01 ? 113 ALA A CA  1 
ATOM   264 C C   . ALA A 1 35 ? 2.412   -7.687  -12.297 1.00 20.18 ? 113 ALA A C   1 
ATOM   265 O O   . ALA A 1 35 ? 1.698   -6.811  -12.766 1.00 19.71 ? 113 ALA A O   1 
ATOM   266 C CB  . ALA A 1 35 ? 2.411   -7.761  -9.808  1.00 19.72 ? 113 ALA A CB  1 
ATOM   267 N N   . MET A 1 36 ? 2.512   -8.908  -12.823 1.00 21.59 ? 114 MET A N   1 
ATOM   268 C CA  . MET A 1 36 ? 1.810   -9.304  -14.048 1.00 24.69 ? 114 MET A CA  1 
ATOM   269 C C   . MET A 1 36 ? 2.145   -8.374  -15.211 1.00 23.06 ? 114 MET A C   1 
ATOM   270 O O   . MET A 1 36 ? 1.268   -8.008  -16.000 1.00 25.78 ? 114 MET A O   1 
ATOM   271 C CB  . MET A 1 36 ? 0.292   -9.375  -13.827 1.00 23.56 ? 114 MET A CB  1 
ATOM   272 C CG  . MET A 1 36 ? -0.123  -10.368 -12.757 1.00 22.89 ? 114 MET A CG  1 
ATOM   273 S SD  . MET A 1 36 ? -1.909  -10.575 -12.577 1.00 20.69 ? 114 MET A SD  1 
ATOM   274 C CE  . MET A 1 36 ? -2.366  -9.043  -11.768 1.00 18.31 ? 114 MET A CE  1 
ATOM   275 N N   . LYS A 1 37 ? 3.419   -7.995  -15.302 1.00 22.57 ? 115 LYS A N   1 
ATOM   276 C CA  . LYS A 1 37 ? 3.935   -7.080  -16.337 1.00 27.74 ? 115 LYS A CA  1 
ATOM   277 C C   . LYS A 1 37 ? 3.270   -5.710  -16.324 1.00 24.40 ? 115 LYS A C   1 
ATOM   278 O O   . LYS A 1 37 ? 3.314   -4.984  -17.314 1.00 29.05 ? 115 LYS A O   1 
ATOM   279 C CB  . LYS A 1 37 ? 3.860   -7.685  -17.751 1.00 30.48 ? 115 LYS A CB  1 
ATOM   280 C CG  . LYS A 1 37 ? 4.173   -9.134  -17.799 1.00 38.14 ? 115 LYS A CG  1 
ATOM   281 C CD  . LYS A 1 37 ? 5.633   -9.412  -17.558 1.00 43.24 ? 115 LYS A CD  1 
ATOM   282 C CE  . LYS A 1 37 ? 5.933   -10.906 -17.631 1.00 47.94 ? 115 LYS A CE  1 
ATOM   283 N NZ  . LYS A 1 37 ? 5.401   -11.727 -16.507 1.00 48.62 ? 115 LYS A NZ  1 
ATOM   284 N N   . MET A 1 38 ? 2.658   -5.351  -15.202 1.00 20.87 ? 116 MET A N   1 
ATOM   285 C CA  . MET A 1 38 ? 2.005   -4.055  -15.093 1.00 20.77 ? 116 MET A CA  1 
ATOM   286 C C   . MET A 1 38 ? 2.457   -3.311  -13.854 1.00 16.80 ? 116 MET A C   1 
ATOM   287 O O   . MET A 1 38 ? 2.985   -3.908  -12.916 1.00 16.92 ? 116 MET A O   1 
ATOM   288 C CB  . MET A 1 38 ? 0.487   -4.223  -15.007 1.00 23.18 ? 116 MET A CB  1 
ATOM   289 C CG  . MET A 1 38 ? -0.156  -4.796  -16.227 1.00 23.25 ? 116 MET A CG  1 
ATOM   290 S SD  . MET A 1 38 ? -1.932  -4.861  -15.964 1.00 26.66 ? 116 MET A SD  1 
ATOM   291 C CE  . MET A 1 38 ? -2.009  -5.980  -14.576 1.00 17.66 ? 116 MET A CE  1 
ATOM   292 N N   . GLU A 1 39 ? 2.229   -2.002  -13.854 1.00 18.69 ? 117 GLU A N   1 
ATOM   293 C CA  . GLU A 1 39 ? 2.198   -1.263  -12.608 1.00 19.29 ? 117 GLU A CA  1 
ATOM   294 C C   . GLU A 1 39 ? 0.788   -1.393  -12.066 1.00 19.86 ? 117 GLU A C   1 
ATOM   295 O O   . GLU A 1 39 ? -0.185  -1.325  -12.823 1.00 22.72 ? 117 GLU A O   1 
ATOM   296 C CB  . GLU A 1 39 ? 2.595   0.197   -12.797 1.00 21.97 ? 117 GLU A CB  1 
ATOM   297 C CG  . GLU A 1 39 ? 3.914   0.382   -13.532 1.00 27.23 ? 117 GLU A CG  1 
ATOM   298 C CD  . GLU A 1 39 ? 5.029   -0.518  -13.024 1.00 30.02 ? 117 GLU A CD  1 
ATOM   299 O OE1 . GLU A 1 39 ? 5.031   -0.883  -11.829 1.00 28.50 ? 117 GLU A OE1 1 
ATOM   300 O OE2 . GLU A 1 39 ? 5.922   -0.861  -13.826 1.00 39.52 ? 117 GLU A OE2 1 
ATOM   301 N N   . ASN A 1 40 ? 0.675   -1.637  -10.768 1.00 14.81 ? 118 ASN A N   1 
ATOM   302 C CA  . ASN A 1 40 ? -0.639  -1.776  -10.139 1.00 13.41 ? 118 ASN A CA  1 
ATOM   303 C C   . ASN A 1 40 ? -0.718  -0.886  -8.920  1.00 11.62 ? 118 ASN A C   1 
ATOM   304 O O   . ASN A 1 40 ? 0.000   -1.132  -7.946  1.00 14.49 ? 118 ASN A O   1 
ATOM   305 C CB  . ASN A 1 40 ? -0.897  -3.217  -9.717  1.00 11.09 ? 118 ASN A CB  1 
ATOM   306 C CG  . ASN A 1 40 ? -0.763  -4.197  -10.866 1.00 15.27 ? 118 ASN A CG  1 
ATOM   307 O OD1 . ASN A 1 40 ? -1.734  -4.480  -11.575 1.00 15.65 ? 118 ASN A OD1 1 
ATOM   308 N ND2 . ASN A 1 40 ? 0.443   -4.731  -11.054 1.00 16.21 ? 118 ASN A ND2 1 
ATOM   309 N N   . GLU A 1 41 ? -1.547  0.153   -8.964  1.00 10.49 ? 119 GLU A N   1 
ATOM   310 C CA  . GLU A 1 41 ? -1.712  0.997   -7.784  1.00 10.99 ? 119 GLU A CA  1 
ATOM   311 C C   . GLU A 1 41 ? -2.587  0.278   -6.780  1.00 11.29 ? 119 GLU A C   1 
ATOM   312 O O   . GLU A 1 41 ? -3.718  -0.122  -7.095  1.00 12.80 ? 119 GLU A O   1 
ATOM   313 C CB  . GLU A 1 41 ? -2.321  2.359   -8.123  1.00 15.62 ? 119 GLU A CB  1 
ATOM   314 C CG  . GLU A 1 41 ? -1.417  3.252   -8.940  1.00 20.29 ? 119 GLU A CG  1 
ATOM   315 C CD  . GLU A 1 41 ? -1.591  4.736   -8.640  1.00 26.34 ? 119 GLU A CD  1 
ATOM   316 O OE1 . GLU A 1 41 ? -2.452  5.121   -7.816  1.00 21.35 ? 119 GLU A OE1 1 
ATOM   317 O OE2 . GLU A 1 41 ? -0.843  5.529   -9.237  1.00 30.78 ? 119 GLU A OE2 1 
ATOM   318 N N   . ILE A 1 42 ? -2.060  0.093   -5.573  1.00 10.29 ? 120 ILE A N   1 
ATOM   319 C CA  . ILE A 1 42 ? -2.776  -0.602  -4.511  1.00 10.75 ? 120 ILE A CA  1 
ATOM   320 C C   . ILE A 1 42 ? -3.541  0.436   -3.700  1.00 9.76  ? 120 ILE A C   1 
ATOM   321 O O   . ILE A 1 42 ? -2.937  1.390   -3.202  1.00 9.38  ? 120 ILE A O   1 
ATOM   322 C CB  . ILE A 1 42 ? -1.818  -1.392  -3.588  1.00 10.20 ? 120 ILE A CB  1 
ATOM   323 C CG1 . ILE A 1 42 ? -0.936  -2.345  -4.404  1.00 11.62 ? 120 ILE A CG1 1 
ATOM   324 C CG2 . ILE A 1 42 ? -2.596  -2.163  -2.541  1.00 12.74 ? 120 ILE A CG2 1 
ATOM   325 C CD1 . ILE A 1 42 ? -1.721  -3.274  -5.316  1.00 13.48 ? 120 ILE A CD1 1 
ATOM   326 N N   . PRO A 1 43 ? -4.869  0.273   -3.583  1.00 7.29  ? 121 PRO A N   1 
ATOM   327 C CA  . PRO A 1 43 ? -5.730  1.326   -3.008  1.00 7.92  ? 121 PRO A CA  1 
ATOM   328 C C   . PRO A 1 43 ? -5.916  1.287   -1.500  1.00 7.90  ? 121 PRO A C   1 
ATOM   329 O O   . PRO A 1 43 ? -5.764  0.234   -0.877  1.00 8.70  ? 121 PRO A O   1 
ATOM   330 C CB  . PRO A 1 43 ? -7.082  1.054   -3.670  1.00 8.51  ? 121 PRO A CB  1 
ATOM   331 C CG  . PRO A 1 43 ? -7.100  -0.443  -3.790  1.00 7.91  ? 121 PRO A CG  1 
ATOM   332 C CD  . PRO A 1 43 ? -5.671  -0.845  -4.127  1.00 7.47  ? 121 PRO A CD  1 
ATOM   333 N N   . SER A 1 44 ? -6.284  2.422   -0.931  1.00 7.88  ? 122 SER A N   1 
ATOM   334 C CA  . SER A 1 44 ? -6.848  2.398   0.407   1.00 7.93  ? 122 SER A CA  1 
ATOM   335 C C   . SER A 1 44 ? -8.274  1.835   0.362   1.00 9.38  ? 122 SER A C   1 
ATOM   336 O O   . SER A 1 44 ? -9.074  2.265   -0.472  1.00 8.74  ? 122 SER A O   1 
ATOM   337 C CB  . SER A 1 44 ? -6.873  3.793   1.024   1.00 8.69  ? 122 SER A CB  1 
ATOM   338 O OG  . SER A 1 44 ? -7.309  3.642   2.364   1.00 9.00  ? 122 SER A OG  1 
ATOM   339 N N   . PRO A 1 45 ? -8.616  0.896   1.259   1.00 8.39  ? 123 PRO A N   1 
ATOM   340 C CA  . PRO A 1 45 ? -9.979  0.341   1.274   1.00 8.70  ? 123 PRO A CA  1 
ATOM   341 C C   . PRO A 1 45 ? -11.022 1.274   1.885   1.00 10.33 ? 123 PRO A C   1 
ATOM   342 O O   . PRO A 1 45 ? -12.208 0.967   1.811   1.00 11.29 ? 123 PRO A O   1 
ATOM   343 C CB  . PRO A 1 45 ? -9.847  -0.900  2.158   1.00 11.03 ? 123 PRO A CB  1 
ATOM   344 C CG  . PRO A 1 45 ? -8.732  -0.552  3.105   1.00 10.87 ? 123 PRO A CG  1 
ATOM   345 C CD  . PRO A 1 45 ? -7.752  0.245   2.259   1.00 10.39 ? 123 PRO A CD  1 
ATOM   346 N N   . ARG A 1 46 ? -10.589 2.376   2.488   1.00 9.48  ? 124 ARG A N   1 
ATOM   347 C CA  . ARG A 1 46 ? -11.508 3.317   3.122   1.00 9.22  ? 124 ARG A CA  1 
ATOM   348 C C   . ARG A 1 46 ? -10.827 4.665   3.313   1.00 9.08  ? 124 ARG A C   1 
ATOM   349 O O   . ARG A 1 46 ? -9.607  4.767   3.211   1.00 9.93  ? 124 ARG A O   1 
ATOM   350 C CB  . ARG A 1 46 ? -11.980 2.778   4.486   1.00 10.26 ? 124 ARG A CB  1 
ATOM   351 C CG  . ARG A 1 46 ? -10.855 2.519   5.475   1.00 8.64  ? 124 ARG A CG  1 
ATOM   352 C CD  . ARG A 1 46 ? -11.443 2.360   6.870   1.00 9.39  ? 124 ARG A CD  1 
ATOM   353 N NE  . ARG A 1 46 ? -10.482 1.916   7.882   1.00 13.60 ? 124 ARG A NE  1 
ATOM   354 C CZ  . ARG A 1 46 ? -9.688  2.734   8.576   1.00 11.72 ? 124 ARG A CZ  1 
ATOM   355 N NH1 . ARG A 1 46 ? -9.697  4.036   8.322   1.00 11.33 ? 124 ARG A NH1 1 
ATOM   356 N NH2 . ARG A 1 46 ? -8.866  2.245   9.498   1.00 12.50 ? 124 ARG A NH2 1 
ATOM   357 N N   . ASP A 1 47 ? -11.622 5.693   3.602   1.00 10.16 ? 125 ASP A N   1 
ATOM   358 C CA  . ASP A 1 47 ? -11.096 6.951   4.107   1.00 7.83  ? 125 ASP A CA  1 
ATOM   359 C C   . ASP A 1 47 ? -10.378 6.673   5.413   1.00 9.13  ? 125 ASP A C   1 
ATOM   360 O O   . ASP A 1 47 ? -10.761 5.757   6.155   1.00 10.61 ? 125 ASP A O   1 
ATOM   361 C CB  . ASP A 1 47 ? -12.212 7.965   4.364   1.00 10.48 ? 125 ASP A CB  1 
ATOM   362 C CG  . ASP A 1 47 ? -13.013 8.304   3.123   1.00 14.24 ? 125 ASP A CG  1 
ATOM   363 O OD1 . ASP A 1 47 ? -12.478 8.239   1.994   1.00 11.66 ? 125 ASP A OD1 1 
ATOM   364 O OD2 . ASP A 1 47 ? -14.203 8.665   3.288   1.00 17.05 ? 125 ASP A OD2 1 
ATOM   365 N N   . GLY A 1 48 ? -9.343  7.451   5.698   1.00 9.16  ? 126 GLY A N   1 
ATOM   366 C CA  . GLY A 1 48 ? -8.660  7.323   6.974   1.00 9.18  ? 126 GLY A CA  1 
ATOM   367 C C   . GLY A 1 48 ? -7.336  8.049   7.011   1.00 10.59 ? 126 GLY A C   1 
ATOM   368 O O   . GLY A 1 48 ? -7.098  8.979   6.244   1.00 9.70  ? 126 GLY A O   1 
ATOM   369 N N   . VAL A 1 49 ? -6.487  7.606   7.929   1.00 8.07  ? 127 VAL A N   1 
ATOM   370 C CA  A VAL A 1 49 ? -5.158  8.177   8.056   0.45 9.60  ? 127 VAL A CA  1 
ATOM   371 C CA  B VAL A 1 49 ? -5.153  8.159   8.146   0.55 9.44  ? 127 VAL A CA  1 
ATOM   372 C C   . VAL A 1 49 ? -4.136  7.048   7.994   1.00 9.17  ? 127 VAL A C   1 
ATOM   373 O O   . VAL A 1 49 ? -4.357  5.948   8.529   1.00 9.64  ? 127 VAL A O   1 
ATOM   374 C CB  A VAL A 1 49 ? -5.027  8.981   9.374   0.45 9.98  ? 127 VAL A CB  1 
ATOM   375 C CB  B VAL A 1 49 ? -5.007  8.773   9.551   0.55 9.56  ? 127 VAL A CB  1 
ATOM   376 C CG1 A VAL A 1 49 ? -5.189  8.082   10.497  0.45 10.26 ? 127 VAL A CG1 1 
ATOM   377 C CG1 B VAL A 1 49 ? -3.671  9.466   9.665   0.55 9.55  ? 127 VAL A CG1 1 
ATOM   378 C CG2 A VAL A 1 49 ? -3.646  9.534   9.547   0.45 9.57  ? 127 VAL A CG2 1 
ATOM   379 C CG2 B VAL A 1 49 ? -6.028  9.832   9.708   0.55 11.47 ? 127 VAL A CG2 1 
ATOM   380 N N   . VAL A 1 50 ? -3.041  7.299   7.290   1.00 7.10  ? 128 VAL A N   1 
ATOM   381 C CA  . VAL A 1 50 ? -1.982  6.304   7.194   1.00 7.94  ? 128 VAL A CA  1 
ATOM   382 C C   . VAL A 1 50 ? -1.236  6.260   8.522   1.00 9.22  ? 128 VAL A C   1 
ATOM   383 O O   . VAL A 1 50 ? -0.614  7.252   8.914   1.00 8.65  ? 128 VAL A O   1 
ATOM   384 C CB  . VAL A 1 50 ? -1.005  6.616   6.043   1.00 8.28  ? 128 VAL A CB  1 
ATOM   385 C CG1 . VAL A 1 50 ? 0.155   5.627   6.055   1.00 8.77  ? 128 VAL A CG1 1 
ATOM   386 C CG2 . VAL A 1 50 ? -1.727  6.590   4.692   1.00 10.90 ? 128 VAL A CG2 1 
ATOM   387 N N   . LYS A 1 51 ? -1.282  5.120   9.208   1.00 9.69  ? 129 LYS A N   1 
ATOM   388 C CA  . LYS A 1 51 ? -0.624  4.999   10.513  1.00 8.47  ? 129 LYS A CA  1 
ATOM   389 C C   . LYS A 1 51 ? 0.772   4.407   10.373  1.00 11.21 ? 129 LYS A C   1 
ATOM   390 O O   . LYS A 1 51 ? 1.719   4.893   10.989  1.00 10.34 ? 129 LYS A O   1 
ATOM   391 C CB  . LYS A 1 51 ? -1.459  4.149   11.472  1.00 9.64  ? 129 LYS A CB  1 
ATOM   392 C CG  . LYS A 1 51 ? -0.902  4.119   12.891  1.00 10.73 ? 129 LYS A CG  1 
ATOM   393 C CD  . LYS A 1 51 ? -1.870  3.395   13.823  1.00 13.23 ? 129 LYS A CD  1 
ATOM   394 C CE  . LYS A 1 51 ? -1.404  3.424   15.282  1.00 14.11 ? 129 LYS A CE  1 
ATOM   395 N NZ  . LYS A 1 51 ? -0.291  2.466   15.491  1.00 15.83 ? 129 LYS A NZ  1 
ATOM   396 N N   . ARG A 1 52 ? 0.896   3.345   9.575   1.00 10.63 ? 130 ARG A N   1 
ATOM   397 C CA  . ARG A 1 52 ? 2.185   2.690   9.364   1.00 12.11 ? 130 ARG A CA  1 
ATOM   398 C C   . ARG A 1 52 ? 2.419   2.397   7.892   1.00 9.76  ? 130 ARG A C   1 
ATOM   399 O O   . ARG A 1 52 ? 1.492   2.037   7.174   1.00 11.87 ? 130 ARG A O   1 
ATOM   400 C CB  . ARG A 1 52 ? 2.276   1.367   10.137  1.00 10.98 ? 130 ARG A CB  1 
ATOM   401 C CG  . ARG A 1 52 ? 2.063   1.476   11.643  1.00 12.22 ? 130 ARG A CG  1 
ATOM   402 C CD  . ARG A 1 52 ? 2.312   0.131   12.344  1.00 12.62 ? 130 ARG A CD  1 
ATOM   403 N NE  . ARG A 1 52 ? 1.926   0.180   13.752  1.00 13.03 ? 130 ARG A NE  1 
ATOM   404 C CZ  . ARG A 1 52 ? 2.704   0.683   14.707  1.00 12.68 ? 130 ARG A CZ  1 
ATOM   405 N NH1 . ARG A 1 52 ? 3.892   1.179   14.390  1.00 14.88 ? 130 ARG A NH1 1 
ATOM   406 N NH2 . ARG A 1 52 ? 2.284   0.700   15.964  1.00 15.64 ? 130 ARG A NH2 1 
ATOM   407 N N   . ILE A 1 53 ? 3.668   2.541   7.458   1.00 11.06 ? 131 ILE A N   1 
ATOM   408 C CA  . ILE A 1 53 ? 4.093   2.093   6.137   1.00 11.13 ? 131 ILE A CA  1 
ATOM   409 C C   . ILE A 1 53 ? 5.120   0.996   6.364   1.00 11.18 ? 131 ILE A C   1 
ATOM   410 O O   . ILE A 1 53 ? 6.184   1.247   6.936   1.00 15.07 ? 131 ILE A O   1 
ATOM   411 C CB  . ILE A 1 53 ? 4.692   3.241   5.308   1.00 12.88 ? 131 ILE A CB  1 
ATOM   412 C CG1 . ILE A 1 53 ? 3.612   4.302   5.062   1.00 12.40 ? 131 ILE A CG1 1 
ATOM   413 C CG2 . ILE A 1 53 ? 5.278   2.725   3.990   1.00 14.65 ? 131 ILE A CG2 1 
ATOM   414 C CD1 . ILE A 1 53 ? 4.112   5.566   4.400   1.00 14.10 ? 131 ILE A CD1 1 
ATOM   415 N N   . LEU A 1 54 ? 4.783   -0.223  5.948   1.00 12.32 ? 132 LEU A N   1 
ATOM   416 C CA  . LEU A 1 54 ? 5.533   -1.413  6.347   1.00 15.40 ? 132 LEU A CA  1 
ATOM   417 C C   . LEU A 1 54 ? 6.488   -1.941  5.297   1.00 14.83 ? 132 LEU A C   1 
ATOM   418 O O   . LEU A 1 54 ? 7.143   -2.962  5.513   1.00 20.07 ? 132 LEU A O   1 
ATOM   419 C CB  . LEU A 1 54 ? 4.548   -2.519  6.762   1.00 16.88 ? 132 LEU A CB  1 
ATOM   420 C CG  . LEU A 1 54 ? 3.564   -2.084  7.852   1.00 15.54 ? 132 LEU A CG  1 
ATOM   421 C CD1 . LEU A 1 54 ? 2.374   -3.044  8.019   1.00 15.99 ? 132 LEU A CD1 1 
ATOM   422 C CD2 . LEU A 1 54 ? 4.297   -1.883  9.190   1.00 18.24 ? 132 LEU A CD2 1 
ATOM   423 N N   . VAL A 1 55 ? 6.582   -1.244  4.168   1.00 11.82 ? 133 VAL A N   1 
ATOM   424 C CA  . VAL A 1 55 ? 7.463   -1.649  3.082   1.00 12.98 ? 133 VAL A CA  1 
ATOM   425 C C   . VAL A 1 55 ? 8.188   -0.451  2.498   1.00 15.75 ? 133 VAL A C   1 
ATOM   426 O O   . VAL A 1 55 ? 7.788   0.694   2.731   1.00 16.54 ? 133 VAL A O   1 
ATOM   427 C CB  . VAL A 1 55 ? 6.681   -2.372  1.958   1.00 13.86 ? 133 VAL A CB  1 
ATOM   428 C CG1 . VAL A 1 55 ? 6.196   -3.727  2.424   1.00 13.48 ? 133 VAL A CG1 1 
ATOM   429 C CG2 . VAL A 1 55 ? 5.521   -1.511  1.452   1.00 14.17 ? 133 VAL A CG2 1 
ATOM   430 N N   . LYS A 1 56 ? 9.252   -0.715  1.742   1.00 15.22 ? 134 LYS A N   1 
ATOM   431 C CA  . LYS A 1 56 ? 10.041  0.348   1.118   1.00 17.19 ? 134 LYS A CA  1 
ATOM   432 C C   . LYS A 1 56 ? 10.110  0.163   -0.411  1.00 14.37 ? 134 LYS A C   1 
ATOM   433 O O   . LYS A 1 56 ? 9.943   -0.951  -0.909  1.00 15.66 ? 134 LYS A O   1 
ATOM   434 C CB  . LYS A 1 56 ? 11.477  0.303   1.639   1.00 20.35 ? 134 LYS A CB  1 
ATOM   435 C CG  . LYS A 1 56 ? 11.653  0.531   3.123   1.00 32.89 ? 134 LYS A CG  1 
ATOM   436 C CD  . LYS A 1 56 ? 12.167  1.937   3.438   1.00 36.72 ? 134 LYS A CD  1 
ATOM   437 C CE  . LYS A 1 56 ? 11.900  2.353   4.883   1.00 40.32 ? 134 LYS A CE  1 
ATOM   438 N NZ  . LYS A 1 56 ? 10.833  3.384   5.073   1.00 38.22 ? 134 LYS A NZ  1 
ATOM   439 N N   . GLU A 1 57 ? 10.383  1.245   -1.131  1.00 14.66 ? 135 GLU A N   1 
ATOM   440 C CA  . GLU A 1 57 ? 10.573  1.163   -2.567  1.00 13.65 ? 135 GLU A CA  1 
ATOM   441 C C   . GLU A 1 57 ? 11.720  0.193   -2.850  1.00 18.59 ? 135 GLU A C   1 
ATOM   442 O O   . GLU A 1 57 ? 12.749  0.202   -2.156  1.00 20.44 ? 135 GLU A O   1 
ATOM   443 C CB  . GLU A 1 57 ? 10.825  2.558   -3.156  1.00 18.92 ? 135 GLU A CB  1 
ATOM   444 C CG  . GLU A 1 57 ? 9.637   3.508   -2.934  1.00 19.53 ? 135 GLU A CG  1 
ATOM   445 C CD  . GLU A 1 57 ? 9.809   4.848   -3.613  1.00 21.34 ? 135 GLU A CD  1 
ATOM   446 O OE1 . GLU A 1 57 ? 10.928  5.119   -4.110  1.00 17.16 ? 135 GLU A OE1 1 
ATOM   447 O OE2 . GLU A 1 57 ? 8.820   5.628   -3.646  1.00 20.21 ? 135 GLU A OE2 1 
ATOM   448 N N   . GLY A 1 58 ? 11.522  -0.665  -3.846  1.00 16.95 ? 136 GLY A N   1 
ATOM   449 C CA  . GLY A 1 58 ? 12.507  -1.669  -4.203  1.00 18.92 ? 136 GLY A CA  1 
ATOM   450 C C   . GLY A 1 58 ? 12.263  -3.034  -3.567  1.00 13.61 ? 136 GLY A C   1 
ATOM   451 O O   . GLY A 1 58 ? 12.840  -4.019  -4.006  1.00 18.93 ? 136 GLY A O   1 
ATOM   452 N N   . GLU A 1 59 ? 11.426  -3.086  -2.537  1.00 15.83 ? 137 GLU A N   1 
ATOM   453 C CA  . GLU A 1 59 ? 11.167  -4.320  -1.780  1.00 12.93 ? 137 GLU A CA  1 
ATOM   454 C C   . GLU A 1 59 ? 10.207  -5.259  -2.521  1.00 16.30 ? 137 GLU A C   1 
ATOM   455 O O   . GLU A 1 59 ? 9.210   -4.807  -3.083  1.00 15.82 ? 137 GLU A O   1 
ATOM   456 C CB  . GLU A 1 59 ? 10.592  -3.969  -0.401  1.00 14.71 ? 137 GLU A CB  1 
ATOM   457 C CG  . GLU A 1 59 ? 10.326  -5.151  0.507   1.00 13.96 ? 137 GLU A CG  1 
ATOM   458 C CD  . GLU A 1 59 ? 9.902   -4.736  1.905   1.00 22.63 ? 137 GLU A CD  1 
ATOM   459 O OE1 . GLU A 1 59 ? 9.935   -3.524  2.209   1.00 20.89 ? 137 GLU A OE1 1 
ATOM   460 O OE2 . GLU A 1 59 ? 9.536   -5.625  2.708   1.00 20.48 ? 137 GLU A OE2 1 
ATOM   461 N N   . TYR A 1 60 ? 10.480  -6.564  -2.509  1.00 13.09 ? 138 TYR A N   1 
ATOM   462 C CA  . TYR A 1 60 ? 9.548   -7.537  -3.092  1.00 15.28 ? 138 TYR A CA  1 
ATOM   463 C C   . TYR A 1 60 ? 8.605   -8.016  -2.002  1.00 16.97 ? 138 TYR A C   1 
ATOM   464 O O   . TYR A 1 60 ? 9.029   -8.295  -0.879  1.00 18.70 ? 138 TYR A O   1 
ATOM   465 C CB  . TYR A 1 60 ? 10.281  -8.731  -3.723  1.00 16.73 ? 138 TYR A CB  1 
ATOM   466 C CG  . TYR A 1 60 ? 9.411   -9.673  -4.569  1.00 19.89 ? 138 TYR A CG  1 
ATOM   467 C CD1 . TYR A 1 60 ? 8.671   -10.715 -3.983  1.00 20.99 ? 138 TYR A CD1 1 
ATOM   468 C CD2 . TYR A 1 60 ? 9.351   -9.534  -5.952  1.00 19.59 ? 138 TYR A CD2 1 
ATOM   469 C CE1 . TYR A 1 60 ? 7.900   -11.584 -4.763  1.00 21.18 ? 138 TYR A CE1 1 
ATOM   470 C CE2 . TYR A 1 60 ? 8.573   -10.392 -6.739  1.00 20.62 ? 138 TYR A CE2 1 
ATOM   471 C CZ  . TYR A 1 60 ? 7.856   -11.409 -6.148  1.00 17.21 ? 138 TYR A CZ  1 
ATOM   472 O OH  . TYR A 1 60 ? 7.092   -12.248 -6.940  1.00 25.39 ? 138 TYR A OH  1 
ATOM   473 N N   . VAL A 1 61 ? 7.321   -8.101  -2.324  1.00 13.13 ? 139 VAL A N   1 
ATOM   474 C CA  . VAL A 1 61 ? 6.331   -8.562  -1.363  1.00 12.19 ? 139 VAL A CA  1 
ATOM   475 C C   . VAL A 1 61 ? 5.551   -9.730  -1.941  1.00 15.45 ? 139 VAL A C   1 
ATOM   476 O O   . VAL A 1 61 ? 5.527   -9.922  -3.160  1.00 13.68 ? 139 VAL A O   1 
ATOM   477 C CB  . VAL A 1 61 ? 5.350   -7.420  -0.943  1.00 12.01 ? 139 VAL A CB  1 
ATOM   478 C CG1 . VAL A 1 61 ? 6.134   -6.278  -0.343  1.00 13.79 ? 139 VAL A CG1 1 
ATOM   479 C CG2 . VAL A 1 61 ? 4.536   -6.915  -2.131  1.00 14.62 ? 139 VAL A CG2 1 
ATOM   480 N N   . ASP A 1 62 ? 4.927   -10.508 -1.067  1.00 15.15 ? 140 ASP A N   1 
ATOM   481 C CA  . ASP A 1 62 ? 4.099   -11.639 -1.475  1.00 16.81 ? 140 ASP A CA  1 
ATOM   482 C C   . ASP A 1 62 ? 2.659   -11.472 -0.973  1.00 14.26 ? 140 ASP A C   1 
ATOM   483 O O   . ASP A 1 62 ? 2.390   -10.648 -0.093  1.00 14.60 ? 140 ASP A O   1 
ATOM   484 C CB  . ASP A 1 62 ? 4.699   -12.940 -0.945  1.00 18.45 ? 140 ASP A CB  1 
ATOM   485 C CG  . ASP A 1 62 ? 4.454   -14.123 -1.861  1.00 20.18 ? 140 ASP A CG  1 
ATOM   486 O OD1 . ASP A 1 62 ? 3.639   -14.020 -2.809  1.00 18.02 ? 140 ASP A OD1 1 
ATOM   487 O OD2 . ASP A 1 62 ? 5.075   -15.171 -1.611  1.00 23.86 ? 140 ASP A OD2 1 
ATOM   488 N N   . THR A 1 63 ? 1.742   -12.254 -1.544  1.00 13.09 ? 141 THR A N   1 
ATOM   489 C CA  . THR A 1 63 ? 0.323   -12.169 -1.221  1.00 13.61 ? 141 THR A CA  1 
ATOM   490 C C   . THR A 1 63 ? 0.068   -12.280 0.270   1.00 17.04 ? 141 THR A C   1 
ATOM   491 O O   . THR A 1 63 ? 0.624   -13.156 0.930   1.00 16.46 ? 141 THR A O   1 
ATOM   492 C CB  . THR A 1 63 ? -0.459  -13.260 -1.949  1.00 13.06 ? 141 THR A CB  1 
ATOM   493 O OG1 . THR A 1 63 ? -0.151  -13.185 -3.343  1.00 14.68 ? 141 THR A OG1 1 
ATOM   494 C CG2 . THR A 1 63 ? -1.959  -13.094 -1.737  1.00 16.48 ? 141 THR A CG2 1 
ATOM   495 N N   . GLY A 1 64 ? -0.750  -11.371 0.804   1.00 13.91 ? 142 GLY A N   1 
ATOM   496 C CA  . GLY A 1 64 ? -1.091  -11.383 2.211   1.00 16.25 ? 142 GLY A CA  1 
ATOM   497 C C   . GLY A 1 64 ? -0.143  -10.606 3.102   1.00 16.04 ? 142 GLY A C   1 
ATOM   498 O O   . GLY A 1 64 ? -0.413  -10.427 4.294   1.00 17.66 ? 142 GLY A O   1 
ATOM   499 N N   . GLN A 1 65 ? 0.972   -10.153 2.545   1.00 14.24 ? 143 GLN A N   1 
ATOM   500 C CA  . GLN A 1 65 ? 1.950   -9.419  3.340   1.00 14.70 ? 143 GLN A CA  1 
ATOM   501 C C   . GLN A 1 65 ? 1.421   -8.027  3.676   1.00 14.58 ? 143 GLN A C   1 
ATOM   502 O O   . GLN A 1 65 ? 0.983   -7.298  2.789   1.00 12.05 ? 143 GLN A O   1 
ATOM   503 C CB  . GLN A 1 65 ? 3.285   -9.327  2.594   1.00 13.20 ? 143 GLN A CB  1 
ATOM   504 C CG  . GLN A 1 65 ? 4.370   -8.588  3.344   1.00 17.22 ? 143 GLN A CG  1 
ATOM   505 C CD  . GLN A 1 65 ? 5.726   -8.673  2.668   1.00 17.91 ? 143 GLN A CD  1 
ATOM   506 O OE1 . GLN A 1 65 ? 5.936   -9.458  1.740   1.00 16.41 ? 143 GLN A OE1 1 
ATOM   507 N NE2 . GLN A 1 65 ? 6.662   -7.847  3.125   1.00 19.21 ? 143 GLN A NE2 1 
ATOM   508 N N   . PRO A 1 66 ? 1.466   -7.645  4.954   1.00 15.03 ? 144 PRO A N   1 
ATOM   509 C CA  . PRO A 1 66 ? 1.020   -6.294  5.314   1.00 13.86 ? 144 PRO A CA  1 
ATOM   510 C C   . PRO A 1 66 ? 1.882   -5.209  4.648   1.00 14.97 ? 144 PRO A C   1 
ATOM   511 O O   . PRO A 1 66 ? 3.122   -5.295  4.652   1.00 14.89 ? 144 PRO A O   1 
ATOM   512 C CB  . PRO A 1 66 ? 1.162   -6.266  6.840   1.00 14.65 ? 144 PRO A CB  1 
ATOM   513 C CG  . PRO A 1 66 ? 0.958   -7.712  7.250   1.00 18.53 ? 144 PRO A CG  1 
ATOM   514 C CD  . PRO A 1 66 ? 1.624   -8.506  6.147   1.00 17.60 ? 144 PRO A CD  1 
ATOM   515 N N   . LEU A 1 67 ? 1.212   -4.207  4.076   1.00 10.96 ? 145 LEU A N   1 
ATOM   516 C CA  . LEU A 1 67 ? 1.878   -3.107  3.375   1.00 11.09 ? 145 LEU A CA  1 
ATOM   517 C C   . LEU A 1 67 ? 1.721   -1.778  4.097   1.00 10.15 ? 145 LEU A C   1 
ATOM   518 O O   . LEU A 1 67 ? 2.687   -1.034  4.264   1.00 11.86 ? 145 LEU A O   1 
ATOM   519 C CB  . LEU A 1 67 ? 1.325   -2.953  1.948   1.00 11.48 ? 145 LEU A CB  1 
ATOM   520 C CG  . LEU A 1 67 ? 1.358   -4.204  1.068   1.00 12.21 ? 145 LEU A CG  1 
ATOM   521 C CD1 . LEU A 1 67 ? 0.725   -3.940  -0.303  1.00 12.50 ? 145 LEU A CD1 1 
ATOM   522 C CD2 . LEU A 1 67 ? 2.795   -4.718  0.921   1.00 14.45 ? 145 LEU A CD2 1 
ATOM   523 N N   . ILE A 1 68 ? 0.481   -1.483  4.493   1.00 11.29 ? 146 ILE A N   1 
ATOM   524 C CA  . ILE A 1 68 ? 0.089   -0.190  5.064   1.00 10.01 ? 146 ILE A CA  1 
ATOM   525 C C   . ILE A 1 68 ? -0.936  -0.426  6.153   1.00 9.78  ? 146 ILE A C   1 
ATOM   526 O O   . ILE A 1 68 ? -1.872  -1.211  5.965   1.00 13.05 ? 146 ILE A O   1 
ATOM   527 C CB  . ILE A 1 68 ? -0.551  0.752   4.007   1.00 11.68 ? 146 ILE A CB  1 
ATOM   528 C CG1 . ILE A 1 68 ? 0.360   0.963   2.799   1.00 15.13 ? 146 ILE A CG1 1 
ATOM   529 C CG2 . ILE A 1 68 ? -0.977  2.096   4.633   1.00 13.09 ? 146 ILE A CG2 1 
ATOM   530 C CD1 . ILE A 1 68 ? 1.540   1.863   3.049   1.00 15.36 ? 146 ILE A CD1 1 
ATOM   531 N N   . GLU A 1 69 ? -0.783  0.234   7.303   1.00 9.62  ? 147 GLU A N   1 
ATOM   532 C CA  . GLU A 1 69 ? -1.831  0.178   8.305   1.00 10.67 ? 147 GLU A CA  1 
ATOM   533 C C   . GLU A 1 69 ? -2.520  1.527   8.370   1.00 9.08  ? 147 GLU A C   1 
ATOM   534 O O   . GLU A 1 69 ? -1.846  2.553   8.431   1.00 10.86 ? 147 GLU A O   1 
ATOM   535 C CB  . GLU A 1 69 ? -1.278  -0.187  9.688   1.00 10.71 ? 147 GLU A CB  1 
ATOM   536 C CG  . GLU A 1 69 ? -2.371  -0.329  10.718  1.00 12.80 ? 147 GLU A CG  1 
ATOM   537 C CD  . GLU A 1 69 ? -1.880  -0.300  12.152  1.00 17.60 ? 147 GLU A CD  1 
ATOM   538 O OE1 . GLU A 1 69 ? -0.686  -0.038  12.375  1.00 20.83 ? 147 GLU A OE1 1 
ATOM   539 O OE2 . GLU A 1 69 ? -2.703  -0.524  13.054  1.00 19.67 ? 147 GLU A OE2 1 
ATOM   540 N N   . LEU A 1 70 ? -3.845  1.520   8.377   1.00 10.04 ? 148 LEU A N   1 
ATOM   541 C CA  . LEU A 1 70 ? -4.621  2.732   8.586   1.00 8.40  ? 148 LEU A CA  1 
ATOM   542 C C   . LEU A 1 70 ? -4.917  2.871   10.078  1.00 10.70 ? 148 LEU A C   1 
ATOM   543 O O   . LEU A 1 70 ? -5.008  1.876   10.803  1.00 13.45 ? 148 LEU A O   1 
ATOM   544 C CB  . LEU A 1 70 ? -5.922  2.702   7.774   1.00 10.21 ? 148 LEU A CB  1 
ATOM   545 C CG  . LEU A 1 70 ? -5.773  2.552   6.262   1.00 10.03 ? 148 LEU A CG  1 
ATOM   546 C CD1 . LEU A 1 70 ? -7.153  2.545   5.626   1.00 11.10 ? 148 LEU A CD1 1 
ATOM   547 C CD2 . LEU A 1 70 ? -4.942  3.675   5.692   1.00 11.50 ? 148 LEU A CD2 1 
ATOM   548 N N   . GLY A 1 71 ? -5.054  4.107   10.543  1.00 9.20  ? 149 GLY A N   1 
ATOM   549 C CA  . GLY A 1 71 ? -5.268  4.356   11.953  1.00 10.23 ? 149 GLY A CA  1 
ATOM   550 C C   . GLY A 1 71 ? -6.698  4.170   12.421  1.00 12.52 ? 149 GLY A C   1 
ATOM   551 O O   . GLY A 1 71 ? -7.634  3.994   11.633  1.00 12.84 ? 149 GLY A O   1 
ATOM   552 O OXT . GLY A 1 71 ? -6.954  4.195   13.628  1.00 13.15 ? 149 GLY A OXT 1 
HETATM 553 O O   . HOH B 2 .  ? -8.577  3.082   14.992  1.00 24.36 ? 201 HOH A O   1 
HETATM 554 O O   . HOH B 2 .  ? -2.243  -0.995  -14.118 1.00 26.67 ? 202 HOH A O   1 
HETATM 555 O O   . HOH B 2 .  ? 8.642   -5.215  4.956   1.00 27.86 ? 203 HOH A O   1 
HETATM 556 O O   . HOH B 2 .  ? -0.091  10.896  -2.104  1.00 22.78 ? 204 HOH A O   1 
HETATM 557 O O   . HOH B 2 .  ? -15.925 8.890   1.487   1.00 28.07 ? 205 HOH A O   1 
HETATM 558 O O   . HOH B 2 .  ? 15.057  -2.439  -8.462  1.00 36.91 ? 206 HOH A O   1 
HETATM 559 O O   . HOH B 2 .  ? -0.049  7.937   -8.766  1.00 28.83 ? 207 HOH A O   1 
HETATM 560 O O   . HOH B 2 .  ? 9.385   -8.121  1.903   1.00 24.96 ? 208 HOH A O   1 
HETATM 561 O O   . HOH B 2 .  ? 2.632   12.549  1.192   1.00 24.26 ? 209 HOH A O   1 
HETATM 562 O O   . HOH B 2 .  ? -0.656  11.481  0.350   1.00 23.55 ? 210 HOH A O   1 
HETATM 563 O O   . HOH B 2 .  ? 7.868   -11.284 1.431   1.00 26.90 ? 211 HOH A O   1 
HETATM 564 O O   . HOH B 2 .  ? -8.010  6.007   9.895   1.00 11.80 ? 212 HOH A O   1 
HETATM 565 O O   . HOH B 2 .  ? -6.602  12.163  -0.906  1.00 20.35 ? 213 HOH A O   1 
HETATM 566 O O   . HOH B 2 .  ? 8.667   3.241   2.861   1.00 28.96 ? 214 HOH A O   1 
HETATM 567 O O   . HOH B 2 .  ? 6.677   7.435   2.068   1.00 25.58 ? 215 HOH A O   1 
HETATM 568 O O   . HOH B 2 .  ? 7.743   7.672   -1.241  1.00 33.58 ? 216 HOH A O   1 
HETATM 569 O O   . HOH B 2 .  ? -8.170  17.106  5.483   1.00 18.39 ? 217 HOH A O   1 
HETATM 570 O O   . HOH B 2 .  ? -5.487  -11.877 -3.434  1.00 19.92 ? 218 HOH A O   1 
HETATM 571 O O   . HOH B 2 .  ? 11.085  -2.626  4.512   1.00 30.75 ? 219 HOH A O   1 
HETATM 572 O O   . HOH B 2 .  ? -13.413 -1.407  1.201   1.00 19.52 ? 220 HOH A O   1 
HETATM 573 O O   . HOH B 2 .  ? -12.680 8.488   -2.716  1.00 19.38 ? 221 HOH A O   1 
HETATM 574 O O   . HOH B 2 .  ? 5.651   -6.083  5.375   1.00 21.65 ? 222 HOH A O   1 
HETATM 575 O O   . HOH B 2 .  ? -7.896  -3.855  4.379   1.00 25.31 ? 223 HOH A O   1 
HETATM 576 O O   . HOH B 2 .  ? -3.187  12.032  0.663   1.00 16.69 ? 224 HOH A O   1 
HETATM 577 O O   . HOH B 2 .  ? 14.180  2.027   -0.672  1.00 30.80 ? 225 HOH A O   1 
HETATM 578 O O   . HOH B 2 .  ? -5.237  -7.077  5.040   1.00 23.63 ? 226 HOH A O   1 
HETATM 579 O O   . HOH B 2 .  ? 5.378   11.730  7.570   1.00 21.11 ? 227 HOH A O   1 
HETATM 580 O O   . HOH B 2 .  ? 2.408   -15.274 0.759   1.00 27.22 ? 228 HOH A O   1 
HETATM 581 O O   . HOH B 2 .  ? 2.719   -12.079 -15.863 1.00 34.71 ? 229 HOH A O   1 
HETATM 582 O O   . HOH B 2 .  ? -14.768 1.894   2.392   1.00 23.66 ? 230 HOH A O   1 
HETATM 583 O O   . HOH B 2 .  ? -1.615  8.931   -3.151  1.00 15.63 ? 231 HOH A O   1 
HETATM 584 O O   . HOH B 2 .  ? -10.459 10.950  4.005   1.00 16.45 ? 232 HOH A O   1 
HETATM 585 O O   . HOH B 2 .  ? 1.759   13.154  6.881   1.00 21.79 ? 233 HOH A O   1 
HETATM 586 O O   . HOH B 2 .  ? 7.593   -8.072  -9.659  1.00 27.24 ? 234 HOH A O   1 
HETATM 587 O O   . HOH B 2 .  ? 5.865   -8.072  -13.444 1.00 27.07 ? 235 HOH A O   1 
HETATM 588 O O   . HOH B 2 .  ? -6.188  -2.562  -0.939  1.00 12.42 ? 236 HOH A O   1 
HETATM 589 O O   . HOH B 2 .  ? 5.353   9.721   -2.296  1.00 30.58 ? 237 HOH A O   1 
HETATM 590 O O   . HOH B 2 .  ? -1.139  13.361  10.710  1.00 16.33 ? 238 HOH A O   1 
HETATM 591 O O   . HOH B 2 .  ? 1.862   -11.045 -9.421  1.00 27.52 ? 239 HOH A O   1 
HETATM 592 O O   . HOH B 2 .  ? 7.851   0.023   8.916   1.00 38.54 ? 240 HOH A O   1 
HETATM 593 O O   . HOH B 2 .  ? 14.448  -1.886  -1.176  1.00 31.88 ? 241 HOH A O   1 
HETATM 594 O O   . HOH B 2 .  ? -13.456 10.022  -0.032  1.00 25.65 ? 242 HOH A O   1 
HETATM 595 O O   . HOH B 2 .  ? -13.195 3.268   14.430  1.00 31.89 ? 243 HOH A O   1 
HETATM 596 O O   . HOH B 2 .  ? 15.337  -3.765  -5.433  1.00 33.00 ? 244 HOH A O   1 
HETATM 597 O O   . HOH B 2 .  ? -5.612  -5.823  1.595   1.00 17.58 ? 245 HOH A O   1 
HETATM 598 O O   . HOH B 2 .  ? -15.919 7.862   5.486   1.00 34.32 ? 246 HOH A O   1 
HETATM 599 O O   . HOH B 2 .  ? 2.185   -13.480 3.365   1.00 31.38 ? 247 HOH A O   1 
HETATM 600 O O   . HOH B 2 .  ? -7.847  -5.206  6.898   1.00 40.00 ? 248 HOH A O   1 
HETATM 601 O O   . HOH B 2 .  ? -11.784 -0.960  5.708   1.00 31.55 ? 249 HOH A O   1 
HETATM 602 O O   . HOH B 2 .  ? 1.185   10.673  -4.331  1.00 32.36 ? 250 HOH A O   1 
HETATM 603 O O   . HOH B 2 .  ? 5.538   3.276   9.642   1.00 16.78 ? 251 HOH A O   1 
HETATM 604 O O   . HOH B 2 .  ? -8.575  17.507  -0.770  1.00 20.21 ? 252 HOH A O   1 
HETATM 605 O O   . HOH B 2 .  ? -2.690  14.651  4.775   1.00 14.35 ? 253 HOH A O   1 
HETATM 606 O O   . HOH B 2 .  ? 4.921   9.341   -8.220  1.00 27.27 ? 254 HOH A O   1 
HETATM 607 O O   . HOH B 2 .  ? 13.130  -7.412  -1.272  1.00 18.83 ? 255 HOH A O   1 
HETATM 608 O O   . HOH B 2 .  ? 4.062   -11.074 -11.302 1.00 32.82 ? 256 HOH A O   1 
HETATM 609 O O   . HOH B 2 .  ? 6.619   8.249   5.907   1.00 14.06 ? 257 HOH A O   1 
HETATM 610 O O   . HOH B 2 .  ? 0.467   2.191   18.476  1.00 8.92  ? 258 HOH A O   1 
HETATM 611 O O   . HOH B 2 .  ? -14.644 5.034   3.362   1.00 16.67 ? 259 HOH A O   1 
HETATM 612 O O   . HOH B 2 .  ? 12.233  -6.291  4.095   1.00 40.58 ? 260 HOH A O   1 
HETATM 613 O O   . HOH B 2 .  ? 14.973  -5.875  -2.716  1.00 38.03 ? 261 HOH A O   1 
HETATM 614 O O   . HOH B 2 .  ? 7.661   3.749   8.047   1.00 26.28 ? 262 HOH A O   1 
HETATM 615 O O   . HOH B 2 .  ? 6.688   -10.829 -9.704  1.00 29.54 ? 263 HOH A O   1 
HETATM 616 O O   . HOH B 2 .  ? 5.555   0.967   11.716  1.00 19.61 ? 264 HOH A O   1 
HETATM 617 O O   . HOH B 2 .  ? -5.186  -8.058  -0.687  1.00 22.78 ? 265 HOH A O   1 
HETATM 618 O O   . HOH B 2 .  ? -8.993  -5.034  12.149  1.00 37.71 ? 266 HOH A O   1 
HETATM 619 O O   . HOH B 2 .  ? -4.999  -2.685  12.828  1.00 35.01 ? 267 HOH A O   1 
HETATM 620 O O   . HOH B 2 .  ? -13.256 16.901  6.331   1.00 12.98 ? 268 HOH A O   1 
HETATM 621 O O   . HOH B 2 .  ? -0.661  -16.074 -4.576  1.00 14.87 ? 269 HOH A O   1 
HETATM 622 O O   . HOH B 2 .  ? -7.448  -5.389  9.094   1.00 22.98 ? 270 HOH A O   1 
HETATM 623 O O   . HOH B 2 .  ? 10.140  4.093   0.304   1.00 18.90 ? 271 HOH A O   1 
HETATM 624 O O   . HOH B 2 .  ? -13.773 14.843  -0.817  1.00 17.85 ? 272 HOH A O   1 
HETATM 625 O O   . HOH B 2 .  ? -8.154  -1.953  15.863  1.00 31.41 ? 273 HOH A O   1 
HETATM 626 O O   . HOH B 2 .  ? -6.391  15.990  -2.013  1.00 23.12 ? 274 HOH A O   1 
HETATM 627 O O   . HOH B 2 .  ? -15.198 14.136  6.116   1.00 33.82 ? 275 HOH A O   1 
HETATM 628 O O   . HOH B 2 .  ? -10.030 -3.315  5.466   1.00 36.01 ? 276 HOH A O   1 
HETATM 629 O O   . HOH B 2 .  ? 4.310   11.205  -0.765  1.00 29.32 ? 277 HOH A O   1 
HETATM 630 O O   . HOH B 2 .  ? -0.441  15.043  6.750   1.00 22.95 ? 278 HOH A O   1 
HETATM 631 O O   . HOH B 2 .  ? -14.865 12.862  4.151   1.00 36.77 ? 279 HOH A O   1 
HETATM 632 O O   . HOH B 2 .  ? 8.281   -2.490  8.744   1.00 40.71 ? 280 HOH A O   1 
HETATM 633 O O   . HOH B 2 .  ? 1.746   12.757  -1.717  1.00 37.30 ? 281 HOH A O   1 
HETATM 634 O O   . HOH B 2 .  ? -1.349  14.647  2.375   1.00 35.80 ? 282 HOH A O   1 
HETATM 635 O O   . HOH B 2 .  ? -5.488  12.159  -3.388  1.00 27.10 ? 283 HOH A O   1 
HETATM 636 O O   . HOH B 2 .  ? -4.504  -10.475 1.372   1.00 20.37 ? 284 HOH A O   1 
HETATM 637 O O   . HOH B 2 .  ? -2.937  12.301  -3.953  1.00 30.58 ? 285 HOH A O   1 
HETATM 638 O O   . HOH B 2 .  ? 9.688   6.559   -0.073  1.00 43.34 ? 286 HOH A O   1 
HETATM 639 O O   . HOH B 2 .  ? -13.067 -2.540  8.761   1.00 45.27 ? 287 HOH A O   1 
HETATM 640 O O   . HOH B 2 .  ? 17.173  -5.729  -6.622  1.00 32.76 ? 288 HOH A O   1 
HETATM 641 O O   . HOH B 2 .  ? 6.310   -5.482  8.371   1.00 33.27 ? 289 HOH A O   1 
HETATM 642 O O   . HOH B 2 .  ? 5.844   -1.664  12.488  1.00 31.65 ? 290 HOH A O   1 
HETATM 643 O O   . HOH B 2 .  ? 14.306  -4.110  -0.033  1.00 31.04 ? 291 HOH A O   1 
HETATM 644 O O   . HOH B 2 .  ? 7.983   5.638   3.516   1.00 33.65 ? 292 HOH A O   1 
HETATM 645 O O   . HOH B 2 .  ? 0.472   14.058  -0.359  1.00 33.91 ? 293 HOH A O   1 
HETATM 646 O O   . HOH B 2 .  ? 3.610   -0.887  -17.730 0.50 39.11 ? 294 HOH A O   1 
HETATM 647 O O   . HOH B 2 .  ? -1.721  -16.437 -0.108  1.00 27.51 ? 295 HOH A O   1 
HETATM 648 O O   . HOH B 2 .  ? 3.020   7.130   -9.695  1.00 31.98 ? 296 HOH A O   1 
HETATM 649 O O   . HOH B 2 .  ? 3.184   13.836  10.776  1.00 13.97 ? 297 HOH A O   1 
HETATM 650 O O   . HOH B 2 .  ? 7.728   5.948   6.790   1.00 30.96 ? 298 HOH A O   1 
HETATM 651 O O   . HOH B 2 .  ? -6.634  -7.913  2.787   1.00 25.94 ? 299 HOH A O   1 
HETATM 652 O O   . HOH B 2 .  ? -14.118 -0.434  5.651   1.00 37.00 ? 300 HOH A O   1 
HETATM 653 O O   . HOH B 2 .  ? -5.077  -12.569 -0.711  1.00 28.86 ? 301 HOH A O   1 
HETATM 654 O O   . HOH B 2 .  ? -4.210  14.452  -0.556  1.00 31.61 ? 302 HOH A O   1 
HETATM 655 O O   . HOH B 2 .  ? 9.718   -6.402  -10.934 1.00 29.93 ? 303 HOH A O   1 
HETATM 656 O O   . HOH B 2 .  ? -16.094 12.487  1.015   0.50 39.06 ? 304 HOH A O   1 
HETATM 657 O O   . HOH B 2 .  ? 19.371  -3.386  -4.188  1.00 48.52 ? 305 HOH A O   1 
# 
loop_
_pdbx_poly_seq_scheme.asym_id 
_pdbx_poly_seq_scheme.entity_id 
_pdbx_poly_seq_scheme.seq_id 
_pdbx_poly_seq_scheme.mon_id 
_pdbx_poly_seq_scheme.ndb_seq_num 
_pdbx_poly_seq_scheme.pdb_seq_num 
_pdbx_poly_seq_scheme.auth_seq_num 
_pdbx_poly_seq_scheme.pdb_mon_id 
_pdbx_poly_seq_scheme.auth_mon_id 
_pdbx_poly_seq_scheme.pdb_strand_id 
_pdbx_poly_seq_scheme.pdb_ins_code 
_pdbx_poly_seq_scheme.hetero 
A 1 1  MET 1  79  79  MET MET A . n 
A 1 2  GLU 2  80  80  GLU GLU A . n 
A 1 3  ASN 3  81  81  ASN ASN A . n 
A 1 4  VAL 4  82  82  VAL VAL A . n 
A 1 5  VAL 5  83  83  VAL VAL A . n 
A 1 6  SER 6  84  84  SER SER A . n 
A 1 7  ALA 7  85  85  ALA ALA A . n 
A 1 8  PRO 8  86  86  PRO PRO A . n 
A 1 9  MET 9  87  87  MET MET A . n 
A 1 10 PRO 10 88  88  PRO PRO A . n 
A 1 11 GLY 11 89  89  GLY GLY A . n 
A 1 12 LYS 12 90  90  LYS LYS A . n 
A 1 13 VAL 13 91  91  VAL VAL A . n 
A 1 14 LEU 14 92  92  LEU LEU A . n 
A 1 15 ARG 15 93  93  ARG ARG A . n 
A 1 16 VAL 16 94  94  VAL VAL A . n 
A 1 17 LEU 17 95  95  LEU LEU A . n 
A 1 18 VAL 18 96  96  VAL VAL A . n 
A 1 19 ARG 19 97  97  ARG ARG A . n 
A 1 20 VAL 20 98  98  VAL VAL A . n 
A 1 21 GLY 21 99  99  GLY GLY A . n 
A 1 22 ASP 22 100 100 ASP ASP A . n 
A 1 23 ARG 23 101 101 ARG ARG A . n 
A 1 24 VAL 24 102 102 VAL VAL A . n 
A 1 25 ARG 25 103 103 ARG ARG A . n 
A 1 26 VAL 26 104 104 VAL VAL A . n 
A 1 27 GLY 27 105 105 GLY GLY A . n 
A 1 28 GLN 28 106 106 GLN GLN A . n 
A 1 29 GLY 29 107 107 GLY GLY A . n 
A 1 30 LEU 30 108 108 LEU LEU A . n 
A 1 31 LEU 31 109 109 LEU LEU A . n 
A 1 32 VAL 32 110 110 VAL VAL A . n 
A 1 33 LEU 33 111 111 LEU LEU A . n 
A 1 34 GLU 34 112 112 GLU GLU A . n 
A 1 35 ALA 35 113 113 ALA ALA A . n 
A 1 36 MET 36 114 114 MET MET A . n 
A 1 37 LYS 37 115 115 LYS LYS A . n 
A 1 38 MET 38 116 116 MET MET A . n 
A 1 39 GLU 39 117 117 GLU GLU A . n 
A 1 40 ASN 40 118 118 ASN ASN A . n 
A 1 41 GLU 41 119 119 GLU GLU A . n 
A 1 42 ILE 42 120 120 ILE ILE A . n 
A 1 43 PRO 43 121 121 PRO PRO A . n 
A 1 44 SER 44 122 122 SER SER A . n 
A 1 45 PRO 45 123 123 PRO PRO A . n 
A 1 46 ARG 46 124 124 ARG ARG A . n 
A 1 47 ASP 47 125 125 ASP ASP A . n 
A 1 48 GLY 48 126 126 GLY GLY A . n 
A 1 49 VAL 49 127 127 VAL VAL A . n 
A 1 50 VAL 50 128 128 VAL VAL A . n 
A 1 51 LYS 51 129 129 LYS LYS A . n 
A 1 52 ARG 52 130 130 ARG ARG A . n 
A 1 53 ILE 53 131 131 ILE ILE A . n 
A 1 54 LEU 54 132 132 LEU LEU A . n 
A 1 55 VAL 55 133 133 VAL VAL A . n 
A 1 56 LYS 56 134 134 LYS LYS A . n 
A 1 57 GLU 57 135 135 GLU GLU A . n 
A 1 58 GLY 58 136 136 GLY GLY A . n 
A 1 59 GLU 59 137 137 GLU GLU A . n 
A 1 60 TYR 60 138 138 TYR TYR A . n 
A 1 61 VAL 61 139 139 VAL VAL A . n 
A 1 62 ASP 62 140 140 ASP ASP A . n 
A 1 63 THR 63 141 141 THR THR A . n 
A 1 64 GLY 64 142 142 GLY GLY A . n 
A 1 65 GLN 65 143 143 GLN GLN A . n 
A 1 66 PRO 66 144 144 PRO PRO A . n 
A 1 67 LEU 67 145 145 LEU LEU A . n 
A 1 68 ILE 68 146 146 ILE ILE A . n 
A 1 69 GLU 69 147 147 GLU GLU A . n 
A 1 70 LEU 70 148 148 LEU LEU A . n 
A 1 71 GLY 71 149 149 GLY GLY A . n 
# 
loop_
_pdbx_nonpoly_scheme.asym_id 
_pdbx_nonpoly_scheme.entity_id 
_pdbx_nonpoly_scheme.mon_id 
_pdbx_nonpoly_scheme.ndb_seq_num 
_pdbx_nonpoly_scheme.pdb_seq_num 
_pdbx_nonpoly_scheme.auth_seq_num 
_pdbx_nonpoly_scheme.pdb_mon_id 
_pdbx_nonpoly_scheme.auth_mon_id 
_pdbx_nonpoly_scheme.pdb_strand_id 
_pdbx_nonpoly_scheme.pdb_ins_code 
B 2 HOH 1   201 62  HOH HOH A . 
B 2 HOH 2   202 27  HOH HOH A . 
B 2 HOH 3   203 61  HOH HOH A . 
B 2 HOH 4   204 75  HOH HOH A . 
B 2 HOH 5   205 85  HOH HOH A . 
B 2 HOH 6   206 21  HOH HOH A . 
B 2 HOH 7   207 66  HOH HOH A . 
B 2 HOH 8   208 70  HOH HOH A . 
B 2 HOH 9   209 38  HOH HOH A . 
B 2 HOH 10  210 64  HOH HOH A . 
B 2 HOH 11  211 35  HOH HOH A . 
B 2 HOH 12  212 3   HOH HOH A . 
B 2 HOH 13  213 56  HOH HOH A . 
B 2 HOH 14  214 63  HOH HOH A . 
B 2 HOH 15  215 53  HOH HOH A . 
B 2 HOH 16  216 83  HOH HOH A . 
B 2 HOH 17  217 33  HOH HOH A . 
B 2 HOH 18  218 26  HOH HOH A . 
B 2 HOH 19  219 102 HOH HOH A . 
B 2 HOH 20  220 18  HOH HOH A . 
B 2 HOH 21  221 29  HOH HOH A . 
B 2 HOH 22  222 37  HOH HOH A . 
B 2 HOH 23  223 15  HOH HOH A . 
B 2 HOH 24  224 12  HOH HOH A . 
B 2 HOH 25  225 71  HOH HOH A . 
B 2 HOH 26  226 25  HOH HOH A . 
B 2 HOH 27  227 30  HOH HOH A . 
B 2 HOH 28  228 44  HOH HOH A . 
B 2 HOH 29  229 100 HOH HOH A . 
B 2 HOH 30  230 41  HOH HOH A . 
B 2 HOH 31  231 36  HOH HOH A . 
B 2 HOH 32  232 7   HOH HOH A . 
B 2 HOH 33  233 48  HOH HOH A . 
B 2 HOH 34  234 69  HOH HOH A . 
B 2 HOH 35  235 16  HOH HOH A . 
B 2 HOH 36  236 8   HOH HOH A . 
B 2 HOH 37  237 31  HOH HOH A . 
B 2 HOH 38  238 14  HOH HOH A . 
B 2 HOH 39  239 43  HOH HOH A . 
B 2 HOH 40  240 39  HOH HOH A . 
B 2 HOH 41  241 32  HOH HOH A . 
B 2 HOH 42  242 28  HOH HOH A . 
B 2 HOH 43  243 84  HOH HOH A . 
B 2 HOH 44  244 40  HOH HOH A . 
B 2 HOH 45  245 23  HOH HOH A . 
B 2 HOH 46  246 45  HOH HOH A . 
B 2 HOH 47  247 46  HOH HOH A . 
B 2 HOH 48  248 22  HOH HOH A . 
B 2 HOH 49  249 52  HOH HOH A . 
B 2 HOH 50  250 88  HOH HOH A . 
B 2 HOH 51  251 17  HOH HOH A . 
B 2 HOH 52  252 24  HOH HOH A . 
B 2 HOH 53  253 6   HOH HOH A . 
B 2 HOH 54  254 49  HOH HOH A . 
B 2 HOH 55  255 11  HOH HOH A . 
B 2 HOH 56  256 34  HOH HOH A . 
B 2 HOH 57  257 4   HOH HOH A . 
B 2 HOH 58  258 1   HOH HOH A . 
B 2 HOH 59  259 5   HOH HOH A . 
B 2 HOH 60  260 101 HOH HOH A . 
B 2 HOH 61  261 55  HOH HOH A . 
B 2 HOH 62  262 81  HOH HOH A . 
B 2 HOH 63  263 58  HOH HOH A . 
B 2 HOH 64  264 20  HOH HOH A . 
B 2 HOH 65  265 47  HOH HOH A . 
B 2 HOH 66  266 86  HOH HOH A . 
B 2 HOH 67  267 51  HOH HOH A . 
B 2 HOH 68  268 9   HOH HOH A . 
B 2 HOH 69  269 2   HOH HOH A . 
B 2 HOH 70  270 19  HOH HOH A . 
B 2 HOH 71  271 13  HOH HOH A . 
B 2 HOH 72  272 10  HOH HOH A . 
B 2 HOH 73  273 97  HOH HOH A . 
B 2 HOH 74  274 50  HOH HOH A . 
B 2 HOH 75  275 87  HOH HOH A . 
B 2 HOH 76  276 89  HOH HOH A . 
B 2 HOH 77  277 42  HOH HOH A . 
B 2 HOH 78  278 91  HOH HOH A . 
B 2 HOH 79  279 99  HOH HOH A . 
B 2 HOH 80  280 59  HOH HOH A . 
B 2 HOH 81  281 68  HOH HOH A . 
B 2 HOH 82  282 79  HOH HOH A . 
B 2 HOH 83  283 80  HOH HOH A . 
B 2 HOH 84  284 57  HOH HOH A . 
B 2 HOH 85  285 96  HOH HOH A . 
B 2 HOH 86  286 77  HOH HOH A . 
B 2 HOH 87  287 105 HOH HOH A . 
B 2 HOH 88  288 92  HOH HOH A . 
B 2 HOH 89  289 82  HOH HOH A . 
B 2 HOH 90  290 103 HOH HOH A . 
B 2 HOH 91  291 74  HOH HOH A . 
B 2 HOH 92  292 73  HOH HOH A . 
B 2 HOH 93  293 67  HOH HOH A . 
B 2 HOH 94  294 98  HOH HOH A . 
B 2 HOH 95  295 95  HOH HOH A . 
B 2 HOH 96  296 65  HOH HOH A . 
B 2 HOH 97  297 54  HOH HOH A . 
B 2 HOH 98  298 76  HOH HOH A . 
B 2 HOH 99  299 72  HOH HOH A . 
B 2 HOH 100 300 90  HOH HOH A . 
B 2 HOH 101 301 78  HOH HOH A . 
B 2 HOH 102 302 60  HOH HOH A . 
B 2 HOH 103 303 94  HOH HOH A . 
B 2 HOH 104 304 104 HOH HOH A . 
B 2 HOH 105 305 93  HOH HOH A . 
# 
_pdbx_struct_assembly.id                   1 
_pdbx_struct_assembly.details              author_defined_assembly 
_pdbx_struct_assembly.method_details       ? 
_pdbx_struct_assembly.oligomeric_details   monomeric 
_pdbx_struct_assembly.oligomeric_count     1 
# 
_pdbx_struct_assembly_gen.assembly_id       1 
_pdbx_struct_assembly_gen.oper_expression   1 
_pdbx_struct_assembly_gen.asym_id_list      A,B 
# 
_pdbx_struct_oper_list.id                   1 
_pdbx_struct_oper_list.type                 'identity operation' 
_pdbx_struct_oper_list.name                 1_555 
_pdbx_struct_oper_list.symmetry_operation   x,y,z 
_pdbx_struct_oper_list.matrix[1][1]         1.0000000000 
_pdbx_struct_oper_list.matrix[1][2]         0.0000000000 
_pdbx_struct_oper_list.matrix[1][3]         0.0000000000 
_pdbx_struct_oper_list.vector[1]            0.0000000000 
_pdbx_struct_oper_list.matrix[2][1]         0.0000000000 
_pdbx_struct_oper_list.matrix[2][2]         1.0000000000 
_pdbx_struct_oper_list.matrix[2][3]         0.0000000000 
_pdbx_struct_oper_list.vector[2]            0.0000000000 
_pdbx_struct_oper_list.matrix[3][1]         0.0000000000 
_pdbx_struct_oper_list.matrix[3][2]         0.0000000000 
_pdbx_struct_oper_list.matrix[3][3]         1.0000000000 
_pdbx_struct_oper_list.vector[3]            0.0000000000 
# 
loop_
_pdbx_struct_special_symmetry.id 
_pdbx_struct_special_symmetry.PDB_model_num 
_pdbx_struct_special_symmetry.auth_asym_id 
_pdbx_struct_special_symmetry.auth_comp_id 
_pdbx_struct_special_symmetry.auth_seq_id 
_pdbx_struct_special_symmetry.PDB_ins_code 
_pdbx_struct_special_symmetry.label_asym_id 
_pdbx_struct_special_symmetry.label_comp_id 
_pdbx_struct_special_symmetry.label_seq_id 
1 1 A HOH 294 ? B HOH . 
2 1 A HOH 304 ? B HOH . 
# 
loop_
_pdbx_audit_revision_history.ordinal 
_pdbx_audit_revision_history.data_content_type 
_pdbx_audit_revision_history.major_revision 
_pdbx_audit_revision_history.minor_revision 
_pdbx_audit_revision_history.revision_date 
1 'Structure model' 1 0 2017-08-30 
2 'Structure model' 1 1 2017-12-06 
3 'Structure model' 1 2 2023-11-08 
# 
_pdbx_audit_revision_details.ordinal             1 
_pdbx_audit_revision_details.revision_ordinal    1 
_pdbx_audit_revision_details.data_content_type   'Structure model' 
_pdbx_audit_revision_details.provider            repository 
_pdbx_audit_revision_details.type                'Initial release' 
_pdbx_audit_revision_details.description         ? 
_pdbx_audit_revision_details.details             ? 
# 
loop_
_pdbx_audit_revision_group.ordinal 
_pdbx_audit_revision_group.revision_ordinal 
_pdbx_audit_revision_group.data_content_type 
_pdbx_audit_revision_group.group 
1 2 'Structure model' 'Database references'    
2 3 'Structure model' 'Data collection'        
3 3 'Structure model' 'Database references'    
4 3 'Structure model' 'Refinement description' 
# 
loop_
_pdbx_audit_revision_category.ordinal 
_pdbx_audit_revision_category.revision_ordinal 
_pdbx_audit_revision_category.data_content_type 
_pdbx_audit_revision_category.category 
1 2 'Structure model' citation                      
2 2 'Structure model' citation_author               
3 3 'Structure model' chem_comp_atom                
4 3 'Structure model' chem_comp_bond                
5 3 'Structure model' database_2                    
6 3 'Structure model' pdbx_initial_refinement_model 
# 
loop_
_pdbx_audit_revision_item.ordinal 
_pdbx_audit_revision_item.revision_ordinal 
_pdbx_audit_revision_item.data_content_type 
_pdbx_audit_revision_item.item 
1  2 'Structure model' '_citation.country'                   
2  2 'Structure model' '_citation.journal_abbrev'            
3  2 'Structure model' '_citation.journal_id_ASTM'           
4  2 'Structure model' '_citation.journal_id_ISSN'           
5  2 'Structure model' '_citation.journal_volume'            
6  2 'Structure model' '_citation.page_first'                
7  2 'Structure model' '_citation.page_last'                 
8  2 'Structure model' '_citation.pdbx_database_id_DOI'      
9  2 'Structure model' '_citation.pdbx_database_id_PubMed'   
10 2 'Structure model' '_citation.title'                     
11 2 'Structure model' '_citation_author.name'               
12 3 'Structure model' '_database_2.pdbx_DOI'                
13 3 'Structure model' '_database_2.pdbx_database_accession' 
# 
loop_
_software.citation_id 
_software.classification 
_software.compiler_name 
_software.compiler_version 
_software.contact_author 
_software.contact_author_email 
_software.date 
_software.description 
_software.dependencies 
_software.hardware 
_software.language 
_software.location 
_software.mods 
_software.name 
_software.os 
_software.os_version 
_software.type 
_software.version 
_software.pdbx_ordinal 
? refinement       ? ? ? ? ? ? ? ? ? ? ? PHENIX    ? ? ? 1.9_1692 1 
? 'data reduction' ? ? ? ? ? ? ? ? ? ? ? HKL-2000  ? ? ? .        2 
? 'data scaling'   ? ? ? ? ? ? ? ? ? ? ? SCALEPACK ? ? ? .        3 
? phasing          ? ? ? ? ? ? ? ? ? ? ? PHENIX    ? ? ? .        4 
# 
_pdbx_distant_solvent_atoms.id                                1 
_pdbx_distant_solvent_atoms.PDB_model_num                     1 
_pdbx_distant_solvent_atoms.auth_atom_id                      O 
_pdbx_distant_solvent_atoms.label_alt_id                      ? 
_pdbx_distant_solvent_atoms.auth_asym_id                      A 
_pdbx_distant_solvent_atoms.auth_comp_id                      HOH 
_pdbx_distant_solvent_atoms.auth_seq_id                       305 
_pdbx_distant_solvent_atoms.PDB_ins_code                      ? 
_pdbx_distant_solvent_atoms.neighbor_macromolecule_distance   6.56 
_pdbx_distant_solvent_atoms.neighbor_ligand_distance          . 
# 
loop_
_chem_comp_atom.comp_id 
_chem_comp_atom.atom_id 
_chem_comp_atom.type_symbol 
_chem_comp_atom.pdbx_aromatic_flag 
_chem_comp_atom.pdbx_stereo_config 
_chem_comp_atom.pdbx_ordinal 
ALA N    N N N 1   
ALA CA   C N S 2   
ALA C    C N N 3   
ALA O    O N N 4   
ALA CB   C N N 5   
ALA OXT  O N N 6   
ALA H    H N N 7   
ALA H2   H N N 8   
ALA HA   H N N 9   
ALA HB1  H N N 10  
ALA HB2  H N N 11  
ALA HB3  H N N 12  
ALA HXT  H N N 13  
ARG N    N N N 14  
ARG CA   C N S 15  
ARG C    C N N 16  
ARG O    O N N 17  
ARG CB   C N N 18  
ARG CG   C N N 19  
ARG CD   C N N 20  
ARG NE   N N N 21  
ARG CZ   C N N 22  
ARG NH1  N N N 23  
ARG NH2  N N N 24  
ARG OXT  O N N 25  
ARG H    H N N 26  
ARG H2   H N N 27  
ARG HA   H N N 28  
ARG HB2  H N N 29  
ARG HB3  H N N 30  
ARG HG2  H N N 31  
ARG HG3  H N N 32  
ARG HD2  H N N 33  
ARG HD3  H N N 34  
ARG HE   H N N 35  
ARG HH11 H N N 36  
ARG HH12 H N N 37  
ARG HH21 H N N 38  
ARG HH22 H N N 39  
ARG HXT  H N N 40  
ASN N    N N N 41  
ASN CA   C N S 42  
ASN C    C N N 43  
ASN O    O N N 44  
ASN CB   C N N 45  
ASN CG   C N N 46  
ASN OD1  O N N 47  
ASN ND2  N N N 48  
ASN OXT  O N N 49  
ASN H    H N N 50  
ASN H2   H N N 51  
ASN HA   H N N 52  
ASN HB2  H N N 53  
ASN HB3  H N N 54  
ASN HD21 H N N 55  
ASN HD22 H N N 56  
ASN HXT  H N N 57  
ASP N    N N N 58  
ASP CA   C N S 59  
ASP C    C N N 60  
ASP O    O N N 61  
ASP CB   C N N 62  
ASP CG   C N N 63  
ASP OD1  O N N 64  
ASP OD2  O N N 65  
ASP OXT  O N N 66  
ASP H    H N N 67  
ASP H2   H N N 68  
ASP HA   H N N 69  
ASP HB2  H N N 70  
ASP HB3  H N N 71  
ASP HD2  H N N 72  
ASP HXT  H N N 73  
GLN N    N N N 74  
GLN CA   C N S 75  
GLN C    C N N 76  
GLN O    O N N 77  
GLN CB   C N N 78  
GLN CG   C N N 79  
GLN CD   C N N 80  
GLN OE1  O N N 81  
GLN NE2  N N N 82  
GLN OXT  O N N 83  
GLN H    H N N 84  
GLN H2   H N N 85  
GLN HA   H N N 86  
GLN HB2  H N N 87  
GLN HB3  H N N 88  
GLN HG2  H N N 89  
GLN HG3  H N N 90  
GLN HE21 H N N 91  
GLN HE22 H N N 92  
GLN HXT  H N N 93  
GLU N    N N N 94  
GLU CA   C N S 95  
GLU C    C N N 96  
GLU O    O N N 97  
GLU CB   C N N 98  
GLU CG   C N N 99  
GLU CD   C N N 100 
GLU OE1  O N N 101 
GLU OE2  O N N 102 
GLU OXT  O N N 103 
GLU H    H N N 104 
GLU H2   H N N 105 
GLU HA   H N N 106 
GLU HB2  H N N 107 
GLU HB3  H N N 108 
GLU HG2  H N N 109 
GLU HG3  H N N 110 
GLU HE2  H N N 111 
GLU HXT  H N N 112 
GLY N    N N N 113 
GLY CA   C N N 114 
GLY C    C N N 115 
GLY O    O N N 116 
GLY OXT  O N N 117 
GLY H    H N N 118 
GLY H2   H N N 119 
GLY HA2  H N N 120 
GLY HA3  H N N 121 
GLY HXT  H N N 122 
HOH O    O N N 123 
HOH H1   H N N 124 
HOH H2   H N N 125 
ILE N    N N N 126 
ILE CA   C N S 127 
ILE C    C N N 128 
ILE O    O N N 129 
ILE CB   C N S 130 
ILE CG1  C N N 131 
ILE CG2  C N N 132 
ILE CD1  C N N 133 
ILE OXT  O N N 134 
ILE H    H N N 135 
ILE H2   H N N 136 
ILE HA   H N N 137 
ILE HB   H N N 138 
ILE HG12 H N N 139 
ILE HG13 H N N 140 
ILE HG21 H N N 141 
ILE HG22 H N N 142 
ILE HG23 H N N 143 
ILE HD11 H N N 144 
ILE HD12 H N N 145 
ILE HD13 H N N 146 
ILE HXT  H N N 147 
LEU N    N N N 148 
LEU CA   C N S 149 
LEU C    C N N 150 
LEU O    O N N 151 
LEU CB   C N N 152 
LEU CG   C N N 153 
LEU CD1  C N N 154 
LEU CD2  C N N 155 
LEU OXT  O N N 156 
LEU H    H N N 157 
LEU H2   H N N 158 
LEU HA   H N N 159 
LEU HB2  H N N 160 
LEU HB3  H N N 161 
LEU HG   H N N 162 
LEU HD11 H N N 163 
LEU HD12 H N N 164 
LEU HD13 H N N 165 
LEU HD21 H N N 166 
LEU HD22 H N N 167 
LEU HD23 H N N 168 
LEU HXT  H N N 169 
LYS N    N N N 170 
LYS CA   C N S 171 
LYS C    C N N 172 
LYS O    O N N 173 
LYS CB   C N N 174 
LYS CG   C N N 175 
LYS CD   C N N 176 
LYS CE   C N N 177 
LYS NZ   N N N 178 
LYS OXT  O N N 179 
LYS H    H N N 180 
LYS H2   H N N 181 
LYS HA   H N N 182 
LYS HB2  H N N 183 
LYS HB3  H N N 184 
LYS HG2  H N N 185 
LYS HG3  H N N 186 
LYS HD2  H N N 187 
LYS HD3  H N N 188 
LYS HE2  H N N 189 
LYS HE3  H N N 190 
LYS HZ1  H N N 191 
LYS HZ2  H N N 192 
LYS HZ3  H N N 193 
LYS HXT  H N N 194 
MET N    N N N 195 
MET CA   C N S 196 
MET C    C N N 197 
MET O    O N N 198 
MET CB   C N N 199 
MET CG   C N N 200 
MET SD   S N N 201 
MET CE   C N N 202 
MET OXT  O N N 203 
MET H    H N N 204 
MET H2   H N N 205 
MET HA   H N N 206 
MET HB2  H N N 207 
MET HB3  H N N 208 
MET HG2  H N N 209 
MET HG3  H N N 210 
MET HE1  H N N 211 
MET HE2  H N N 212 
MET HE3  H N N 213 
MET HXT  H N N 214 
PRO N    N N N 215 
PRO CA   C N S 216 
PRO C    C N N 217 
PRO O    O N N 218 
PRO CB   C N N 219 
PRO CG   C N N 220 
PRO CD   C N N 221 
PRO OXT  O N N 222 
PRO H    H N N 223 
PRO HA   H N N 224 
PRO HB2  H N N 225 
PRO HB3  H N N 226 
PRO HG2  H N N 227 
PRO HG3  H N N 228 
PRO HD2  H N N 229 
PRO HD3  H N N 230 
PRO HXT  H N N 231 
SER N    N N N 232 
SER CA   C N S 233 
SER C    C N N 234 
SER O    O N N 235 
SER CB   C N N 236 
SER OG   O N N 237 
SER OXT  O N N 238 
SER H    H N N 239 
SER H2   H N N 240 
SER HA   H N N 241 
SER HB2  H N N 242 
SER HB3  H N N 243 
SER HG   H N N 244 
SER HXT  H N N 245 
THR N    N N N 246 
THR CA   C N S 247 
THR C    C N N 248 
THR O    O N N 249 
THR CB   C N R 250 
THR OG1  O N N 251 
THR CG2  C N N 252 
THR OXT  O N N 253 
THR H    H N N 254 
THR H2   H N N 255 
THR HA   H N N 256 
THR HB   H N N 257 
THR HG1  H N N 258 
THR HG21 H N N 259 
THR HG22 H N N 260 
THR HG23 H N N 261 
THR HXT  H N N 262 
TYR N    N N N 263 
TYR CA   C N S 264 
TYR C    C N N 265 
TYR O    O N N 266 
TYR CB   C N N 267 
TYR CG   C Y N 268 
TYR CD1  C Y N 269 
TYR CD2  C Y N 270 
TYR CE1  C Y N 271 
TYR CE2  C Y N 272 
TYR CZ   C Y N 273 
TYR OH   O N N 274 
TYR OXT  O N N 275 
TYR H    H N N 276 
TYR H2   H N N 277 
TYR HA   H N N 278 
TYR HB2  H N N 279 
TYR HB3  H N N 280 
TYR HD1  H N N 281 
TYR HD2  H N N 282 
TYR HE1  H N N 283 
TYR HE2  H N N 284 
TYR HH   H N N 285 
TYR HXT  H N N 286 
VAL N    N N N 287 
VAL CA   C N S 288 
VAL C    C N N 289 
VAL O    O N N 290 
VAL CB   C N N 291 
VAL CG1  C N N 292 
VAL CG2  C N N 293 
VAL OXT  O N N 294 
VAL H    H N N 295 
VAL H2   H N N 296 
VAL HA   H N N 297 
VAL HB   H N N 298 
VAL HG11 H N N 299 
VAL HG12 H N N 300 
VAL HG13 H N N 301 
VAL HG21 H N N 302 
VAL HG22 H N N 303 
VAL HG23 H N N 304 
VAL HXT  H N N 305 
# 
loop_
_chem_comp_bond.comp_id 
_chem_comp_bond.atom_id_1 
_chem_comp_bond.atom_id_2 
_chem_comp_bond.value_order 
_chem_comp_bond.pdbx_aromatic_flag 
_chem_comp_bond.pdbx_stereo_config 
_chem_comp_bond.pdbx_ordinal 
ALA N   CA   sing N N 1   
ALA N   H    sing N N 2   
ALA N   H2   sing N N 3   
ALA CA  C    sing N N 4   
ALA CA  CB   sing N N 5   
ALA CA  HA   sing N N 6   
ALA C   O    doub N N 7   
ALA C   OXT  sing N N 8   
ALA CB  HB1  sing N N 9   
ALA CB  HB2  sing N N 10  
ALA CB  HB3  sing N N 11  
ALA OXT HXT  sing N N 12  
ARG N   CA   sing N N 13  
ARG N   H    sing N N 14  
ARG N   H2   sing N N 15  
ARG CA  C    sing N N 16  
ARG CA  CB   sing N N 17  
ARG CA  HA   sing N N 18  
ARG C   O    doub N N 19  
ARG C   OXT  sing N N 20  
ARG CB  CG   sing N N 21  
ARG CB  HB2  sing N N 22  
ARG CB  HB3  sing N N 23  
ARG CG  CD   sing N N 24  
ARG CG  HG2  sing N N 25  
ARG CG  HG3  sing N N 26  
ARG CD  NE   sing N N 27  
ARG CD  HD2  sing N N 28  
ARG CD  HD3  sing N N 29  
ARG NE  CZ   sing N N 30  
ARG NE  HE   sing N N 31  
ARG CZ  NH1  sing N N 32  
ARG CZ  NH2  doub N N 33  
ARG NH1 HH11 sing N N 34  
ARG NH1 HH12 sing N N 35  
ARG NH2 HH21 sing N N 36  
ARG NH2 HH22 sing N N 37  
ARG OXT HXT  sing N N 38  
ASN N   CA   sing N N 39  
ASN N   H    sing N N 40  
ASN N   H2   sing N N 41  
ASN CA  C    sing N N 42  
ASN CA  CB   sing N N 43  
ASN CA  HA   sing N N 44  
ASN C   O    doub N N 45  
ASN C   OXT  sing N N 46  
ASN CB  CG   sing N N 47  
ASN CB  HB2  sing N N 48  
ASN CB  HB3  sing N N 49  
ASN CG  OD1  doub N N 50  
ASN CG  ND2  sing N N 51  
ASN ND2 HD21 sing N N 52  
ASN ND2 HD22 sing N N 53  
ASN OXT HXT  sing N N 54  
ASP N   CA   sing N N 55  
ASP N   H    sing N N 56  
ASP N   H2   sing N N 57  
ASP CA  C    sing N N 58  
ASP CA  CB   sing N N 59  
ASP CA  HA   sing N N 60  
ASP C   O    doub N N 61  
ASP C   OXT  sing N N 62  
ASP CB  CG   sing N N 63  
ASP CB  HB2  sing N N 64  
ASP CB  HB3  sing N N 65  
ASP CG  OD1  doub N N 66  
ASP CG  OD2  sing N N 67  
ASP OD2 HD2  sing N N 68  
ASP OXT HXT  sing N N 69  
GLN N   CA   sing N N 70  
GLN N   H    sing N N 71  
GLN N   H2   sing N N 72  
GLN CA  C    sing N N 73  
GLN CA  CB   sing N N 74  
GLN CA  HA   sing N N 75  
GLN C   O    doub N N 76  
GLN C   OXT  sing N N 77  
GLN CB  CG   sing N N 78  
GLN CB  HB2  sing N N 79  
GLN CB  HB3  sing N N 80  
GLN CG  CD   sing N N 81  
GLN CG  HG2  sing N N 82  
GLN CG  HG3  sing N N 83  
GLN CD  OE1  doub N N 84  
GLN CD  NE2  sing N N 85  
GLN NE2 HE21 sing N N 86  
GLN NE2 HE22 sing N N 87  
GLN OXT HXT  sing N N 88  
GLU N   CA   sing N N 89  
GLU N   H    sing N N 90  
GLU N   H2   sing N N 91  
GLU CA  C    sing N N 92  
GLU CA  CB   sing N N 93  
GLU CA  HA   sing N N 94  
GLU C   O    doub N N 95  
GLU C   OXT  sing N N 96  
GLU CB  CG   sing N N 97  
GLU CB  HB2  sing N N 98  
GLU CB  HB3  sing N N 99  
GLU CG  CD   sing N N 100 
GLU CG  HG2  sing N N 101 
GLU CG  HG3  sing N N 102 
GLU CD  OE1  doub N N 103 
GLU CD  OE2  sing N N 104 
GLU OE2 HE2  sing N N 105 
GLU OXT HXT  sing N N 106 
GLY N   CA   sing N N 107 
GLY N   H    sing N N 108 
GLY N   H2   sing N N 109 
GLY CA  C    sing N N 110 
GLY CA  HA2  sing N N 111 
GLY CA  HA3  sing N N 112 
GLY C   O    doub N N 113 
GLY C   OXT  sing N N 114 
GLY OXT HXT  sing N N 115 
HOH O   H1   sing N N 116 
HOH O   H2   sing N N 117 
ILE N   CA   sing N N 118 
ILE N   H    sing N N 119 
ILE N   H2   sing N N 120 
ILE CA  C    sing N N 121 
ILE CA  CB   sing N N 122 
ILE CA  HA   sing N N 123 
ILE C   O    doub N N 124 
ILE C   OXT  sing N N 125 
ILE CB  CG1  sing N N 126 
ILE CB  CG2  sing N N 127 
ILE CB  HB   sing N N 128 
ILE CG1 CD1  sing N N 129 
ILE CG1 HG12 sing N N 130 
ILE CG1 HG13 sing N N 131 
ILE CG2 HG21 sing N N 132 
ILE CG2 HG22 sing N N 133 
ILE CG2 HG23 sing N N 134 
ILE CD1 HD11 sing N N 135 
ILE CD1 HD12 sing N N 136 
ILE CD1 HD13 sing N N 137 
ILE OXT HXT  sing N N 138 
LEU N   CA   sing N N 139 
LEU N   H    sing N N 140 
LEU N   H2   sing N N 141 
LEU CA  C    sing N N 142 
LEU CA  CB   sing N N 143 
LEU CA  HA   sing N N 144 
LEU C   O    doub N N 145 
LEU C   OXT  sing N N 146 
LEU CB  CG   sing N N 147 
LEU CB  HB2  sing N N 148 
LEU CB  HB3  sing N N 149 
LEU CG  CD1  sing N N 150 
LEU CG  CD2  sing N N 151 
LEU CG  HG   sing N N 152 
LEU CD1 HD11 sing N N 153 
LEU CD1 HD12 sing N N 154 
LEU CD1 HD13 sing N N 155 
LEU CD2 HD21 sing N N 156 
LEU CD2 HD22 sing N N 157 
LEU CD2 HD23 sing N N 158 
LEU OXT HXT  sing N N 159 
LYS N   CA   sing N N 160 
LYS N   H    sing N N 161 
LYS N   H2   sing N N 162 
LYS CA  C    sing N N 163 
LYS CA  CB   sing N N 164 
LYS CA  HA   sing N N 165 
LYS C   O    doub N N 166 
LYS C   OXT  sing N N 167 
LYS CB  CG   sing N N 168 
LYS CB  HB2  sing N N 169 
LYS CB  HB3  sing N N 170 
LYS CG  CD   sing N N 171 
LYS CG  HG2  sing N N 172 
LYS CG  HG3  sing N N 173 
LYS CD  CE   sing N N 174 
LYS CD  HD2  sing N N 175 
LYS CD  HD3  sing N N 176 
LYS CE  NZ   sing N N 177 
LYS CE  HE2  sing N N 178 
LYS CE  HE3  sing N N 179 
LYS NZ  HZ1  sing N N 180 
LYS NZ  HZ2  sing N N 181 
LYS NZ  HZ3  sing N N 182 
LYS OXT HXT  sing N N 183 
MET N   CA   sing N N 184 
MET N   H    sing N N 185 
MET N   H2   sing N N 186 
MET CA  C    sing N N 187 
MET CA  CB   sing N N 188 
MET CA  HA   sing N N 189 
MET C   O    doub N N 190 
MET C   OXT  sing N N 191 
MET CB  CG   sing N N 192 
MET CB  HB2  sing N N 193 
MET CB  HB3  sing N N 194 
MET CG  SD   sing N N 195 
MET CG  HG2  sing N N 196 
MET CG  HG3  sing N N 197 
MET SD  CE   sing N N 198 
MET CE  HE1  sing N N 199 
MET CE  HE2  sing N N 200 
MET CE  HE3  sing N N 201 
MET OXT HXT  sing N N 202 
PRO N   CA   sing N N 203 
PRO N   CD   sing N N 204 
PRO N   H    sing N N 205 
PRO CA  C    sing N N 206 
PRO CA  CB   sing N N 207 
PRO CA  HA   sing N N 208 
PRO C   O    doub N N 209 
PRO C   OXT  sing N N 210 
PRO CB  CG   sing N N 211 
PRO CB  HB2  sing N N 212 
PRO CB  HB3  sing N N 213 
PRO CG  CD   sing N N 214 
PRO CG  HG2  sing N N 215 
PRO CG  HG3  sing N N 216 
PRO CD  HD2  sing N N 217 
PRO CD  HD3  sing N N 218 
PRO OXT HXT  sing N N 219 
SER N   CA   sing N N 220 
SER N   H    sing N N 221 
SER N   H2   sing N N 222 
SER CA  C    sing N N 223 
SER CA  CB   sing N N 224 
SER CA  HA   sing N N 225 
SER C   O    doub N N 226 
SER C   OXT  sing N N 227 
SER CB  OG   sing N N 228 
SER CB  HB2  sing N N 229 
SER CB  HB3  sing N N 230 
SER OG  HG   sing N N 231 
SER OXT HXT  sing N N 232 
THR N   CA   sing N N 233 
THR N   H    sing N N 234 
THR N   H2   sing N N 235 
THR CA  C    sing N N 236 
THR CA  CB   sing N N 237 
THR CA  HA   sing N N 238 
THR C   O    doub N N 239 
THR C   OXT  sing N N 240 
THR CB  OG1  sing N N 241 
THR CB  CG2  sing N N 242 
THR CB  HB   sing N N 243 
THR OG1 HG1  sing N N 244 
THR CG2 HG21 sing N N 245 
THR CG2 HG22 sing N N 246 
THR CG2 HG23 sing N N 247 
THR OXT HXT  sing N N 248 
TYR N   CA   sing N N 249 
TYR N   H    sing N N 250 
TYR N   H2   sing N N 251 
TYR CA  C    sing N N 252 
TYR CA  CB   sing N N 253 
TYR CA  HA   sing N N 254 
TYR C   O    doub N N 255 
TYR C   OXT  sing N N 256 
TYR CB  CG   sing N N 257 
TYR CB  HB2  sing N N 258 
TYR CB  HB3  sing N N 259 
TYR CG  CD1  doub Y N 260 
TYR CG  CD2  sing Y N 261 
TYR CD1 CE1  sing Y N 262 
TYR CD1 HD1  sing N N 263 
TYR CD2 CE2  doub Y N 264 
TYR CD2 HD2  sing N N 265 
TYR CE1 CZ   doub Y N 266 
TYR CE1 HE1  sing N N 267 
TYR CE2 CZ   sing Y N 268 
TYR CE2 HE2  sing N N 269 
TYR CZ  OH   sing N N 270 
TYR OH  HH   sing N N 271 
TYR OXT HXT  sing N N 272 
VAL N   CA   sing N N 273 
VAL N   H    sing N N 274 
VAL N   H2   sing N N 275 
VAL CA  C    sing N N 276 
VAL CA  CB   sing N N 277 
VAL CA  HA   sing N N 278 
VAL C   O    doub N N 279 
VAL C   OXT  sing N N 280 
VAL CB  CG1  sing N N 281 
VAL CB  CG2  sing N N 282 
VAL CB  HB   sing N N 283 
VAL CG1 HG11 sing N N 284 
VAL CG1 HG12 sing N N 285 
VAL CG1 HG13 sing N N 286 
VAL CG2 HG21 sing N N 287 
VAL CG2 HG22 sing N N 288 
VAL CG2 HG23 sing N N 289 
VAL OXT HXT  sing N N 290 
# 
_pdbx_audit_support.funding_organization   'Japan Agency for Medical Research and Development (AMED)' 
_pdbx_audit_support.country                Japan 
_pdbx_audit_support.grant_number           'Platform Project for Supporting in Drug Discovery and Life Science Research' 
_pdbx_audit_support.ordinal                1 
# 
_pdbx_entity_nonpoly.entity_id   2 
_pdbx_entity_nonpoly.name        water 
_pdbx_entity_nonpoly.comp_id     HOH 
# 
_pdbx_initial_refinement_model.id               1 
_pdbx_initial_refinement_model.entity_id_list   ? 
_pdbx_initial_refinement_model.type             'experimental model' 
_pdbx_initial_refinement_model.source_name      PDB 
_pdbx_initial_refinement_model.accession_code   2EVB 
_pdbx_initial_refinement_model.details          ? 
# 
